data_9D8X
#
_entry.id   9D8X
#
_cell.length_a   1.00
_cell.length_b   1.00
_cell.length_c   1.00
_cell.angle_alpha   90.00
_cell.angle_beta   90.00
_cell.angle_gamma   90.00
#
_symmetry.space_group_name_H-M   'P 1'
#
loop_
_entity.id
_entity.type
_entity.pdbx_description
1 polymer VP1
2 polymer VP2
3 polymer VP3
#
loop_
_entity_poly.entity_id
_entity_poly.type
_entity_poly.pdbx_seq_one_letter_code
_entity_poly.pdbx_strand_id
1 'polypeptide(L)'
;AIQTRAVINQHGTSETLVENFLGRAALVMMKDFEYKNHVTGTQKVQQNFFKWTINTRSYVQLRRKFELFTYIRFDSEITI
VPTIRLYTSTGASYSGLPNLTLQAMFVPVGAPTPKSQDSYEWQSACNPSVFFKIDDPPARMTIPFMCINSAYGMFYDGFA
GFEKTANGLYGINPANTMGNLCIRVVNAYQPVQYTITIRIYLKPKHIKAWVPRPPRTMPYMSIANTNYTGH
;
A
2 'polypeptide(L)'
;VLQLKLGNSAIVTQEAANMCCAYGEWPSYLPDNEATAIDKPTQPETSTDRFYTLKSVKWEGTSTGWWWKLPDALNQTGMF
GQNVQYHYLYRSGFLCHVQCNATKFHQGALLVVAIPEHQLGKYNTGTSASFDDVMKGKTGGVFTHPYVLDDGTSLACSLI
FPHQWINLRTNNSATIMLPWMNCAPMDFALRHNQWTLAIIPVVPLNTSGGTTMVPITVSIAPMCCEFNGLRNAITQ
;
B
3 'polypeptide(L)'
;GVPTYLLPGSSQFMTTDDHSSAPAFPDFSPTPEIHIPGRVHNMLELVQVESMMEINNVAGSSGMERLRVEISVQTDMDAL
LFNIPLDIQLDGPLRSTLLANIARYYTHWSGSMEMTFMFCGSFMATGKVILCYTPPGGSCPTDRESAMLGTHIVWDFGLQ
SSITLVIPWISGSHFRMFNSDAKSINANVGYVTCFMQTNLIVPKEAATSTYIIGFAAAKNDFSLRLMRDSPDI
;
C
#
# COMPACT_ATOMS: atom_id res chain seq x y z
N ALA A 1 19.58 -27.61 6.32
CA ALA A 1 20.84 -27.46 7.04
C ALA A 1 22.03 -27.47 6.08
N ILE A 2 21.74 -27.76 4.81
CA ILE A 2 22.77 -27.78 3.77
C ILE A 2 22.81 -26.41 3.11
N GLN A 3 23.99 -25.78 3.11
CA GLN A 3 24.16 -24.46 2.52
C GLN A 3 24.66 -24.62 1.08
N THR A 4 23.72 -24.85 0.18
CA THR A 4 24.02 -25.03 -1.23
C THR A 4 23.86 -23.72 -1.98
N ARG A 5 24.62 -23.57 -3.05
CA ARG A 5 24.59 -22.37 -3.89
C ARG A 5 24.60 -22.78 -5.34
N ALA A 6 23.83 -22.08 -6.17
CA ALA A 6 23.75 -22.35 -7.60
C ALA A 6 23.89 -21.06 -8.38
N VAL A 7 24.48 -21.17 -9.56
CA VAL A 7 24.62 -20.02 -10.45
C VAL A 7 23.29 -19.74 -11.13
N ILE A 8 22.83 -18.50 -11.03
CA ILE A 8 21.53 -18.11 -11.55
C ILE A 8 21.74 -17.24 -12.77
N ASN A 9 21.16 -17.64 -13.89
CA ASN A 9 21.19 -16.88 -15.14
C ASN A 9 19.76 -16.51 -15.50
N GLN A 10 19.48 -15.21 -15.58
CA GLN A 10 18.14 -14.72 -15.84
C GLN A 10 18.18 -13.61 -16.87
N HIS A 11 17.06 -13.45 -17.57
CA HIS A 11 16.91 -12.38 -18.56
C HIS A 11 15.42 -12.20 -18.83
N GLY A 12 15.01 -10.96 -19.03
CA GLY A 12 13.63 -10.66 -19.32
C GLY A 12 12.88 -10.21 -18.08
N THR A 13 11.83 -9.40 -18.30
CA THR A 13 11.06 -8.84 -17.21
C THR A 13 9.56 -9.01 -17.41
N SER A 14 9.13 -9.72 -18.44
CA SER A 14 7.69 -9.88 -18.67
C SER A 14 7.01 -10.71 -17.58
N GLU A 15 7.79 -11.44 -16.79
CA GLU A 15 7.19 -12.27 -15.75
C GLU A 15 6.66 -11.43 -14.60
N THR A 16 7.31 -10.31 -14.29
CA THR A 16 6.94 -9.48 -13.15
C THR A 16 5.95 -8.39 -13.51
N LEU A 17 5.32 -8.46 -14.68
CA LEU A 17 4.28 -7.51 -15.04
C LEU A 17 3.12 -7.62 -14.06
N VAL A 18 2.49 -6.48 -13.76
CA VAL A 18 1.34 -6.49 -12.86
C VAL A 18 0.21 -7.30 -13.45
N GLU A 19 0.08 -7.30 -14.78
CA GLU A 19 -0.92 -8.14 -15.43
C GLU A 19 -0.69 -9.61 -15.10
N ASN A 20 0.57 -10.05 -15.12
CA ASN A 20 0.87 -11.43 -14.74
C ASN A 20 0.83 -11.63 -13.24
N PHE A 21 1.21 -10.61 -12.46
CA PHE A 21 1.20 -10.74 -11.01
C PHE A 21 -0.21 -10.96 -10.49
N LEU A 22 -1.18 -10.22 -11.02
CA LEU A 22 -2.55 -10.29 -10.54
C LEU A 22 -3.46 -11.09 -11.46
N GLY A 23 -2.93 -11.65 -12.54
CA GLY A 23 -3.74 -12.39 -13.49
C GLY A 23 -3.73 -13.88 -13.28
N ARG A 24 -3.77 -14.31 -12.03
CA ARG A 24 -3.79 -15.72 -11.68
C ARG A 24 -5.17 -16.09 -11.17
N ALA A 25 -5.78 -17.09 -11.78
CA ALA A 25 -7.10 -17.54 -11.38
C ALA A 25 -7.00 -18.28 -10.06
N ALA A 26 -7.53 -17.69 -9.00
CA ALA A 26 -7.43 -18.24 -7.66
C ALA A 26 -8.83 -18.47 -7.09
N LEU A 27 -8.91 -19.41 -6.16
CA LEU A 27 -10.15 -19.63 -5.43
C LEU A 27 -10.55 -18.38 -4.67
N VAL A 28 -11.82 -18.00 -4.79
CA VAL A 28 -12.33 -16.83 -4.09
C VAL A 28 -13.40 -17.26 -3.09
N MET A 29 -14.08 -18.35 -3.39
CA MET A 29 -15.11 -18.89 -2.51
C MET A 29 -15.24 -20.39 -2.70
N MET A 30 -15.79 -21.04 -1.68
CA MET A 30 -16.03 -22.48 -1.71
C MET A 30 -17.09 -22.77 -0.67
N LYS A 31 -18.27 -23.21 -1.12
CA LYS A 31 -19.38 -23.46 -0.21
C LYS A 31 -20.06 -24.77 -0.59
N ASP A 32 -20.62 -25.42 0.43
CA ASP A 32 -21.35 -26.67 0.25
C ASP A 32 -22.78 -26.48 0.75
N PHE A 33 -23.75 -26.96 -0.03
CA PHE A 33 -25.14 -26.90 0.37
C PHE A 33 -25.82 -28.21 0.05
N GLU A 34 -26.84 -28.54 0.84
CA GLU A 34 -27.53 -29.82 0.75
C GLU A 34 -28.62 -29.78 -0.31
N TYR A 35 -29.34 -30.89 -0.43
CA TYR A 35 -30.42 -30.99 -1.40
C TYR A 35 -31.53 -30.00 -1.10
N LYS A 36 -31.89 -29.86 0.17
CA LYS A 36 -33.00 -29.00 0.56
C LYS A 36 -32.77 -28.38 1.94
N GLN A 47 -28.18 -22.92 3.47
CA GLN A 47 -29.51 -22.76 2.89
C GLN A 47 -29.78 -23.82 1.82
N ASN A 48 -30.76 -23.53 0.96
CA ASN A 48 -31.12 -24.45 -0.12
C ASN A 48 -30.36 -24.16 -1.41
N PHE A 49 -29.59 -23.09 -1.46
CA PHE A 49 -28.90 -22.70 -2.68
C PHE A 49 -27.67 -21.87 -2.31
N PHE A 50 -26.88 -21.53 -3.32
CA PHE A 50 -25.61 -20.85 -3.15
C PHE A 50 -25.78 -19.37 -3.40
N LYS A 51 -25.34 -18.54 -2.45
CA LYS A 51 -25.39 -17.10 -2.57
C LYS A 51 -24.11 -16.52 -1.98
N TRP A 52 -23.48 -15.61 -2.73
CA TRP A 52 -22.22 -15.02 -2.29
C TRP A 52 -21.95 -13.75 -3.08
N THR A 53 -21.70 -12.66 -2.37
CA THR A 53 -21.33 -11.42 -3.02
C THR A 53 -19.85 -11.46 -3.40
N ILE A 54 -19.55 -11.10 -4.64
CA ILE A 54 -18.21 -11.25 -5.17
C ILE A 54 -17.26 -10.26 -4.48
N ASN A 55 -16.14 -10.78 -3.99
CA ASN A 55 -15.12 -9.94 -3.37
C ASN A 55 -13.79 -10.67 -3.43
N THR A 56 -12.72 -9.92 -3.20
CA THR A 56 -11.37 -10.46 -3.24
C THR A 56 -10.82 -10.77 -1.85
N ARG A 57 -11.18 -9.99 -0.85
CA ARG A 57 -10.68 -10.10 0.52
C ARG A 57 -11.10 -11.38 1.23
N SER A 58 -11.75 -12.36 0.60
CA SER A 58 -12.20 -13.53 1.34
C SER A 58 -11.04 -14.32 1.92
N TYR A 59 -9.96 -14.48 1.16
CA TYR A 59 -8.79 -15.24 1.58
C TYR A 59 -7.61 -14.31 1.76
N VAL A 60 -6.78 -14.61 2.77
CA VAL A 60 -5.74 -13.69 3.19
C VAL A 60 -4.69 -13.51 2.10
N GLN A 61 -4.33 -14.58 1.40
CA GLN A 61 -3.27 -14.49 0.39
C GLN A 61 -3.66 -13.52 -0.72
N LEU A 62 -4.83 -13.72 -1.31
CA LEU A 62 -5.26 -12.86 -2.41
C LEU A 62 -5.55 -11.45 -1.92
N ARG A 63 -6.06 -11.32 -0.69
CA ARG A 63 -6.29 -9.99 -0.13
C ARG A 63 -5.00 -9.21 0.00
N ARG A 64 -3.94 -9.86 0.51
CA ARG A 64 -2.65 -9.21 0.62
C ARG A 64 -2.07 -8.90 -0.75
N LYS A 65 -2.27 -9.81 -1.71
CA LYS A 65 -1.79 -9.56 -3.06
C LYS A 65 -2.42 -8.31 -3.65
N PHE A 66 -3.73 -8.15 -3.45
CA PHE A 66 -4.44 -7.01 -4.02
C PHE A 66 -4.19 -5.72 -3.25
N GLU A 67 -3.99 -5.79 -1.93
CA GLU A 67 -3.86 -4.59 -1.13
C GLU A 67 -2.53 -3.87 -1.32
N LEU A 68 -1.61 -4.44 -2.10
CA LEU A 68 -0.39 -3.72 -2.42
C LEU A 68 -0.63 -2.49 -3.28
N PHE A 69 -1.83 -2.35 -3.84
CA PHE A 69 -2.19 -1.21 -4.67
C PHE A 69 -3.44 -0.54 -4.11
N THR A 70 -3.59 0.74 -4.40
CA THR A 70 -4.74 1.50 -3.93
C THR A 70 -5.95 1.37 -4.85
N TYR A 71 -5.74 1.55 -6.15
CA TYR A 71 -6.82 1.44 -7.13
C TYR A 71 -6.43 0.40 -8.17
N ILE A 72 -7.30 -0.60 -8.36
CA ILE A 72 -7.16 -1.59 -9.42
C ILE A 72 -8.45 -1.67 -10.19
N ARG A 73 -8.36 -1.63 -11.51
CA ARG A 73 -9.49 -1.78 -12.41
C ARG A 73 -9.26 -3.03 -13.26
N PHE A 74 -10.23 -3.94 -13.25
CA PHE A 74 -10.06 -5.20 -13.96
C PHE A 74 -11.42 -5.78 -14.32
N ASP A 75 -11.40 -6.70 -15.27
CA ASP A 75 -12.56 -7.51 -15.61
C ASP A 75 -12.43 -8.88 -14.99
N SER A 76 -13.55 -9.43 -14.53
CA SER A 76 -13.55 -10.66 -13.74
C SER A 76 -14.03 -11.82 -14.59
N GLU A 77 -13.27 -12.90 -14.59
CA GLU A 77 -13.63 -14.15 -15.25
C GLU A 77 -13.89 -15.20 -14.19
N ILE A 78 -15.09 -15.77 -14.20
CA ILE A 78 -15.56 -16.65 -13.15
C ILE A 78 -15.71 -18.06 -13.72
N THR A 79 -15.15 -19.04 -13.03
CA THR A 79 -15.30 -20.44 -13.38
C THR A 79 -15.88 -21.19 -12.19
N ILE A 80 -16.97 -21.92 -12.44
CA ILE A 80 -17.66 -22.67 -11.39
C ILE A 80 -17.39 -24.15 -11.60
N VAL A 81 -16.82 -24.80 -10.60
CA VAL A 81 -16.50 -26.21 -10.64
C VAL A 81 -17.34 -26.92 -9.60
N PRO A 82 -18.43 -27.57 -10.00
CA PRO A 82 -19.27 -28.28 -9.03
C PRO A 82 -18.90 -29.74 -8.88
N THR A 83 -18.92 -30.20 -7.63
CA THR A 83 -18.73 -31.61 -7.30
C THR A 83 -19.90 -32.07 -6.46
N ILE A 84 -20.32 -33.32 -6.67
CA ILE A 84 -21.49 -33.88 -6.01
C ILE A 84 -21.09 -35.15 -5.29
N ARG A 85 -21.45 -35.25 -4.01
CA ARG A 85 -21.16 -36.42 -3.18
C ARG A 85 -22.48 -36.95 -2.62
N LEU A 86 -22.69 -38.25 -2.76
CA LEU A 86 -23.93 -38.88 -2.36
C LEU A 86 -23.89 -39.27 -0.89
N TYR A 87 -25.08 -39.56 -0.34
CA TYR A 87 -25.22 -39.96 1.05
C TYR A 87 -25.96 -41.29 1.14
N THR A 88 -25.55 -42.13 2.10
CA THR A 88 -26.19 -43.40 2.38
C THR A 88 -26.37 -44.27 1.14
N SER A 93 -27.64 -47.53 0.16
CA SER A 93 -27.76 -47.89 -1.24
C SER A 93 -27.09 -46.87 -2.14
N TYR A 94 -26.68 -47.31 -3.33
CA TYR A 94 -25.99 -46.46 -4.30
C TYR A 94 -26.60 -46.67 -5.67
N SER A 95 -26.69 -45.60 -6.45
CA SER A 95 -27.23 -45.70 -7.80
C SER A 95 -26.51 -44.83 -8.82
N GLY A 96 -25.46 -44.12 -8.43
CA GLY A 96 -24.72 -43.28 -9.35
C GLY A 96 -24.90 -41.80 -9.05
N LEU A 97 -24.03 -41.01 -9.67
CA LEU A 97 -24.06 -39.55 -9.48
C LEU A 97 -24.99 -38.93 -10.50
N PRO A 98 -26.07 -38.26 -10.08
CA PRO A 98 -27.00 -37.69 -11.05
C PRO A 98 -26.38 -36.55 -11.82
N ASN A 99 -26.83 -36.40 -13.06
CA ASN A 99 -26.38 -35.30 -13.93
C ASN A 99 -27.33 -34.11 -13.80
N LEU A 100 -27.37 -33.55 -12.60
CA LEU A 100 -28.28 -32.46 -12.29
C LEU A 100 -27.91 -31.19 -13.05
N THR A 101 -28.93 -30.48 -13.53
CA THR A 101 -28.71 -29.19 -14.17
C THR A 101 -28.55 -28.10 -13.11
N LEU A 102 -27.59 -27.21 -13.34
CA LEU A 102 -27.27 -26.13 -12.43
C LEU A 102 -27.49 -24.79 -13.11
N GLN A 103 -28.06 -23.84 -12.38
CA GLN A 103 -28.23 -22.49 -12.87
C GLN A 103 -27.39 -21.54 -12.03
N ALA A 104 -26.56 -20.75 -12.68
CA ALA A 104 -25.74 -19.74 -12.03
C ALA A 104 -26.13 -18.37 -12.59
N MET A 105 -26.56 -17.48 -11.71
CA MET A 105 -27.07 -16.17 -12.12
C MET A 105 -26.28 -15.07 -11.43
N PHE A 106 -25.86 -14.08 -12.20
CA PHE A 106 -25.19 -12.90 -11.66
C PHE A 106 -26.23 -11.81 -11.43
N VAL A 107 -26.31 -11.33 -10.20
CA VAL A 107 -27.23 -10.25 -9.83
C VAL A 107 -26.41 -8.98 -9.66
N PRO A 108 -26.61 -7.96 -10.48
CA PRO A 108 -25.87 -6.70 -10.31
C PRO A 108 -26.19 -6.01 -9.00
N VAL A 109 -25.50 -4.91 -8.71
CA VAL A 109 -25.65 -4.26 -7.42
C VAL A 109 -26.99 -3.55 -7.29
N GLY A 110 -27.67 -3.27 -8.40
CA GLY A 110 -28.92 -2.55 -8.34
C GLY A 110 -30.16 -3.41 -8.46
N ALA A 111 -30.02 -4.72 -8.23
CA ALA A 111 -31.12 -5.65 -8.42
C ALA A 111 -31.33 -6.50 -7.18
N PRO A 112 -32.55 -6.98 -6.95
CA PRO A 112 -32.79 -7.86 -5.80
C PRO A 112 -32.20 -9.24 -6.02
N THR A 113 -31.95 -9.92 -4.91
CA THR A 113 -31.41 -11.27 -4.91
C THR A 113 -32.48 -12.25 -4.44
N PRO A 114 -32.42 -13.50 -4.90
CA PRO A 114 -33.46 -14.47 -4.51
C PRO A 114 -33.40 -14.79 -3.03
N LYS A 115 -34.57 -15.18 -2.51
CA LYS A 115 -34.68 -15.59 -1.12
C LYS A 115 -34.92 -17.09 -0.95
N SER A 116 -35.19 -17.81 -2.03
CA SER A 116 -35.46 -19.23 -1.95
C SER A 116 -35.10 -19.88 -3.28
N GLN A 117 -35.21 -21.19 -3.34
CA GLN A 117 -34.92 -21.92 -4.58
C GLN A 117 -35.94 -21.58 -5.65
N ASP A 118 -37.22 -21.59 -5.30
CA ASP A 118 -38.29 -21.28 -6.23
C ASP A 118 -38.73 -19.82 -6.11
N SER A 119 -37.76 -18.93 -6.28
CA SER A 119 -37.99 -17.51 -6.19
C SER A 119 -38.22 -16.90 -7.57
N TYR A 120 -38.88 -15.75 -7.59
CA TYR A 120 -39.23 -15.14 -8.86
C TYR A 120 -38.02 -14.57 -9.58
N GLU A 121 -37.01 -14.11 -8.84
CA GLU A 121 -35.85 -13.49 -9.47
C GLU A 121 -35.02 -14.46 -10.28
N TRP A 122 -35.26 -15.77 -10.18
CA TRP A 122 -34.55 -16.72 -11.02
C TRP A 122 -34.93 -16.60 -12.48
N GLN A 123 -36.08 -16.00 -12.79
CA GLN A 123 -36.55 -15.84 -14.16
C GLN A 123 -36.29 -14.46 -14.72
N SER A 124 -35.56 -13.61 -13.99
CA SER A 124 -35.32 -12.25 -14.47
C SER A 124 -34.52 -12.26 -15.76
N ALA A 125 -35.00 -11.50 -16.74
CA ALA A 125 -34.32 -11.45 -18.04
C ALA A 125 -33.15 -10.49 -18.04
N CYS A 126 -33.03 -9.61 -17.04
CA CYS A 126 -31.93 -8.67 -16.97
C CYS A 126 -30.74 -9.22 -16.20
N ASN A 127 -30.88 -10.36 -15.55
CA ASN A 127 -29.77 -10.99 -14.83
C ASN A 127 -29.19 -12.10 -15.68
N PRO A 128 -27.92 -12.02 -16.08
CA PRO A 128 -27.33 -13.10 -16.86
C PRO A 128 -27.38 -14.42 -16.11
N SER A 129 -27.67 -15.49 -16.83
CA SER A 129 -27.79 -16.82 -16.24
C SER A 129 -27.11 -17.83 -17.13
N VAL A 130 -26.47 -18.83 -16.52
CA VAL A 130 -25.81 -19.91 -17.22
C VAL A 130 -26.42 -21.22 -16.73
N PHE A 131 -26.87 -22.05 -17.66
CA PHE A 131 -27.41 -23.37 -17.36
C PHE A 131 -26.39 -24.40 -17.80
N PHE A 132 -25.77 -25.07 -16.84
CA PHE A 132 -24.75 -26.07 -17.10
C PHE A 132 -25.01 -27.31 -16.27
N LYS A 133 -24.49 -28.44 -16.74
CA LYS A 133 -24.71 -29.72 -16.11
C LYS A 133 -23.45 -30.19 -15.39
N ILE A 134 -23.64 -31.13 -14.47
CA ILE A 134 -22.54 -31.61 -13.65
C ILE A 134 -21.50 -32.34 -14.50
N ASP A 135 -21.96 -33.20 -15.42
CA ASP A 135 -21.06 -34.00 -16.24
C ASP A 135 -20.51 -33.25 -17.44
N ASP A 136 -20.54 -31.94 -17.43
CA ASP A 136 -20.03 -31.09 -18.49
C ASP A 136 -18.79 -30.33 -18.02
N PRO A 137 -18.07 -29.69 -18.94
CA PRO A 137 -16.98 -28.83 -18.51
C PRO A 137 -17.49 -27.70 -17.64
N PRO A 138 -16.67 -27.21 -16.72
CA PRO A 138 -17.12 -26.16 -15.80
C PRO A 138 -17.58 -24.91 -16.55
N ALA A 139 -18.63 -24.28 -16.02
CA ALA A 139 -19.16 -23.07 -16.62
C ALA A 139 -18.16 -21.92 -16.45
N ARG A 140 -18.21 -20.98 -17.39
CA ARG A 140 -17.27 -19.86 -17.38
C ARG A 140 -17.91 -18.66 -18.06
N MET A 141 -17.80 -17.50 -17.42
CA MET A 141 -18.30 -16.26 -17.98
C MET A 141 -17.44 -15.11 -17.48
N THR A 142 -17.43 -14.03 -18.24
CA THR A 142 -16.63 -12.85 -17.93
C THR A 142 -17.54 -11.73 -17.46
N ILE A 143 -17.19 -11.12 -16.33
CA ILE A 143 -17.94 -10.00 -15.76
C ILE A 143 -17.16 -8.73 -16.07
N PRO A 144 -17.70 -7.81 -16.87
CA PRO A 144 -16.97 -6.58 -17.18
C PRO A 144 -16.85 -5.69 -15.96
N PHE A 145 -15.96 -4.69 -16.08
CA PHE A 145 -15.80 -3.70 -15.04
C PHE A 145 -17.10 -2.94 -14.84
N MET A 146 -17.76 -3.16 -13.70
CA MET A 146 -19.12 -2.70 -13.46
C MET A 146 -19.19 -1.78 -12.26
N CYS A 147 -18.26 -0.83 -12.15
CA CYS A 147 -18.21 0.09 -11.03
C CYS A 147 -18.60 1.49 -11.48
N ILE A 148 -19.19 2.24 -10.54
CA ILE A 148 -19.57 3.62 -10.84
C ILE A 148 -18.33 4.46 -11.11
N ASN A 149 -17.30 4.31 -10.27
CA ASN A 149 -16.06 5.03 -10.46
C ASN A 149 -15.22 4.37 -11.55
N SER A 150 -14.08 4.97 -11.86
CA SER A 150 -13.21 4.45 -12.90
C SER A 150 -12.29 3.35 -12.41
N ALA A 151 -12.24 3.09 -11.10
CA ALA A 151 -11.40 2.04 -10.56
C ALA A 151 -11.92 1.63 -9.20
N TYR A 152 -11.72 0.36 -8.87
CA TYR A 152 -12.07 -0.13 -7.54
C TYR A 152 -11.14 0.50 -6.50
N GLY A 153 -11.69 0.73 -5.32
CA GLY A 153 -10.89 1.25 -4.23
C GLY A 153 -10.78 0.28 -3.08
N MET A 154 -9.59 -0.28 -2.87
CA MET A 154 -9.42 -1.22 -1.78
C MET A 154 -9.32 -0.52 -0.43
N PHE A 155 -8.86 0.72 -0.41
CA PHE A 155 -8.80 1.51 0.80
C PHE A 155 -9.67 2.74 0.64
N TYR A 156 -10.59 2.94 1.57
CA TYR A 156 -11.49 4.09 1.57
C TYR A 156 -11.32 4.83 2.88
N ASP A 157 -10.75 6.03 2.81
CA ASP A 157 -10.62 6.88 3.99
C ASP A 157 -11.79 7.85 4.02
N GLY A 158 -12.97 7.30 4.29
CA GLY A 158 -14.17 8.11 4.31
C GLY A 158 -15.37 7.28 4.73
N PHE A 159 -16.51 7.96 4.75
CA PHE A 159 -17.78 7.37 5.17
C PHE A 159 -18.77 7.39 4.01
N ALA A 160 -19.80 6.56 4.13
CA ALA A 160 -20.81 6.47 3.08
C ALA A 160 -21.73 7.69 3.09
N GLY A 161 -22.13 8.15 4.27
CA GLY A 161 -23.07 9.24 4.36
C GLY A 161 -22.79 10.26 5.45
N PHE A 162 -23.76 11.13 5.70
CA PHE A 162 -23.65 12.20 6.68
C PHE A 162 -24.46 11.94 7.93
N GLU A 163 -25.05 10.76 8.07
CA GLU A 163 -26.00 10.47 9.13
C GLU A 163 -25.54 9.27 9.94
N LYS A 164 -26.23 9.03 11.04
CA LYS A 164 -25.94 7.88 11.88
C LYS A 164 -26.28 6.59 11.13
N THR A 165 -25.97 5.46 11.77
CA THR A 165 -26.08 4.13 11.18
C THR A 165 -25.22 3.98 9.92
N ALA A 166 -24.35 4.94 9.65
CA ALA A 166 -23.39 4.87 8.55
C ALA A 166 -22.00 5.17 9.10
N ASN A 167 -21.95 5.93 10.20
CA ASN A 167 -20.68 6.19 10.86
C ASN A 167 -20.07 4.91 11.40
N GLY A 168 -20.90 3.90 11.68
CA GLY A 168 -20.39 2.59 12.04
C GLY A 168 -19.82 1.80 10.88
N LEU A 169 -20.01 2.27 9.66
CA LEU A 169 -19.43 1.67 8.47
C LEU A 169 -18.36 2.63 7.95
N TYR A 170 -17.16 2.52 8.49
CA TYR A 170 -16.02 3.32 8.06
C TYR A 170 -15.17 2.50 7.10
N GLY A 171 -14.79 3.10 5.98
CA GLY A 171 -14.05 2.38 4.97
C GLY A 171 -14.89 1.57 4.03
N ILE A 172 -16.21 1.65 4.12
CA ILE A 172 -17.12 0.94 3.24
C ILE A 172 -17.66 1.93 2.22
N ASN A 173 -17.33 1.73 0.96
CA ASN A 173 -17.86 2.52 -0.13
C ASN A 173 -18.88 1.68 -0.89
N PRO A 174 -20.14 2.11 -0.99
CA PRO A 174 -21.12 1.31 -1.74
C PRO A 174 -20.74 1.10 -3.19
N ALA A 175 -19.96 2.02 -3.77
CA ALA A 175 -19.56 1.88 -5.17
C ALA A 175 -18.52 0.79 -5.37
N ASN A 176 -17.96 0.23 -4.31
CA ASN A 176 -16.93 -0.80 -4.42
C ASN A 176 -17.48 -2.21 -4.44
N THR A 177 -18.80 -2.39 -4.32
CA THR A 177 -19.37 -3.72 -4.37
C THR A 177 -19.34 -4.26 -5.79
N MET A 178 -19.13 -5.58 -5.91
CA MET A 178 -18.92 -6.21 -7.20
C MET A 178 -20.12 -7.02 -7.69
N GLY A 179 -21.15 -7.19 -6.89
CA GLY A 179 -22.33 -7.93 -7.29
C GLY A 179 -22.44 -9.26 -6.57
N ASN A 180 -23.59 -9.91 -6.79
CA ASN A 180 -23.92 -11.16 -6.12
C ASN A 180 -24.01 -12.29 -7.15
N LEU A 181 -23.47 -13.44 -6.80
CA LEU A 181 -23.52 -14.64 -7.64
C LEU A 181 -24.34 -15.70 -6.93
N CYS A 182 -25.42 -16.14 -7.57
CA CYS A 182 -26.36 -17.09 -6.99
C CYS A 182 -26.41 -18.34 -7.85
N ILE A 183 -26.25 -19.50 -7.23
CA ILE A 183 -26.25 -20.78 -7.92
C ILE A 183 -27.27 -21.68 -7.27
N ARG A 184 -28.09 -22.33 -8.10
CA ARG A 184 -29.12 -23.25 -7.62
C ARG A 184 -29.13 -24.48 -8.51
N VAL A 185 -29.85 -25.50 -8.06
CA VAL A 185 -30.06 -26.72 -8.82
C VAL A 185 -31.49 -26.70 -9.34
N VAL A 186 -31.66 -26.69 -10.66
CA VAL A 186 -32.99 -26.57 -11.24
C VAL A 186 -33.83 -27.79 -10.89
N ASN A 187 -33.30 -28.98 -11.12
CA ASN A 187 -33.98 -30.22 -10.73
C ASN A 187 -33.45 -30.69 -9.38
N ALA A 188 -33.69 -29.86 -8.36
CA ALA A 188 -33.09 -30.09 -7.05
C ALA A 188 -33.70 -31.31 -6.37
N TYR A 189 -35.03 -31.45 -6.43
CA TYR A 189 -35.70 -32.51 -5.69
C TYR A 189 -35.40 -33.86 -6.31
N GLN A 190 -34.71 -34.72 -5.58
CA GLN A 190 -34.34 -36.06 -6.02
C GLN A 190 -34.72 -37.04 -4.92
N PRO A 191 -34.91 -38.31 -5.28
CA PRO A 191 -35.43 -39.27 -4.29
C PRO A 191 -34.56 -39.44 -3.06
N VAL A 192 -33.24 -39.41 -3.18
CA VAL A 192 -32.45 -39.88 -2.05
C VAL A 192 -31.72 -38.75 -1.33
N GLN A 193 -30.68 -38.21 -1.94
CA GLN A 193 -29.83 -37.23 -1.28
C GLN A 193 -28.70 -36.86 -2.23
N TYR A 194 -28.04 -35.74 -1.92
CA TYR A 194 -26.80 -35.35 -2.57
C TYR A 194 -26.27 -34.11 -1.86
N THR A 195 -24.95 -33.94 -1.90
CA THR A 195 -24.29 -32.76 -1.36
C THR A 195 -23.44 -32.16 -2.46
N ILE A 196 -23.66 -30.88 -2.75
CA ILE A 196 -23.01 -30.20 -3.87
C ILE A 196 -22.03 -29.17 -3.32
N THR A 197 -20.79 -29.24 -3.81
CA THR A 197 -19.76 -28.28 -3.45
C THR A 197 -19.43 -27.43 -4.66
N ILE A 198 -19.46 -26.11 -4.47
CA ILE A 198 -19.22 -25.15 -5.53
C ILE A 198 -17.88 -24.46 -5.28
N ARG A 199 -17.01 -24.49 -6.28
CA ARG A 199 -15.73 -23.79 -6.24
C ARG A 199 -15.75 -22.68 -7.28
N ILE A 200 -15.43 -21.47 -6.85
CA ILE A 200 -15.43 -20.30 -7.73
C ILE A 200 -13.99 -19.87 -7.95
N TYR A 201 -13.60 -19.76 -9.21
CA TYR A 201 -12.26 -19.30 -9.58
C TYR A 201 -12.39 -17.97 -10.32
N LEU A 202 -11.66 -16.97 -9.83
CA LEU A 202 -11.70 -15.62 -10.38
C LEU A 202 -10.36 -15.29 -11.03
N LYS A 203 -10.39 -14.91 -12.31
CA LYS A 203 -9.19 -14.54 -13.04
C LYS A 203 -9.33 -13.10 -13.52
N PRO A 204 -8.71 -12.14 -12.84
CA PRO A 204 -8.75 -10.75 -13.33
C PRO A 204 -8.11 -10.62 -14.70
N LYS A 205 -8.69 -9.76 -15.53
CA LYS A 205 -8.21 -9.52 -16.88
C LYS A 205 -8.16 -8.03 -17.15
N HIS A 206 -7.26 -7.64 -18.06
CA HIS A 206 -7.01 -6.24 -18.38
C HIS A 206 -6.71 -5.44 -17.12
N ILE A 207 -5.83 -5.99 -16.28
CA ILE A 207 -5.58 -5.44 -14.96
C ILE A 207 -4.74 -4.18 -15.08
N LYS A 208 -5.19 -3.12 -14.42
CA LYS A 208 -4.43 -1.89 -14.27
C LYS A 208 -4.47 -1.45 -12.81
N ALA A 209 -3.34 -1.03 -12.29
CA ALA A 209 -3.23 -0.69 -10.87
C ALA A 209 -2.54 0.67 -10.72
N TRP A 210 -2.82 1.32 -9.60
CA TRP A 210 -2.28 2.64 -9.31
C TRP A 210 -1.88 2.74 -7.85
N VAL A 211 -0.92 3.61 -7.57
CA VAL A 211 -0.54 4.03 -6.23
C VAL A 211 -0.21 2.84 -5.35
N PRO A 212 0.96 2.23 -5.50
CA PRO A 212 1.33 1.10 -4.65
C PRO A 212 1.51 1.51 -3.19
N ARG A 213 1.26 0.56 -2.31
CA ARG A 213 1.24 0.77 -0.86
C ARG A 213 2.13 -0.26 -0.19
N PRO A 214 2.58 0.02 1.03
CA PRO A 214 3.35 -0.96 1.79
C PRO A 214 2.55 -2.23 2.04
N PRO A 215 3.19 -3.39 2.00
CA PRO A 215 2.45 -4.64 2.22
C PRO A 215 1.99 -4.77 3.65
N ARG A 216 0.91 -5.53 3.82
CA ARG A 216 0.38 -5.81 5.15
C ARG A 216 1.35 -6.71 5.91
N THR A 217 1.57 -6.38 7.19
CA THR A 217 2.46 -7.16 8.04
C THR A 217 1.71 -7.88 9.16
N MET A 218 0.92 -7.16 9.93
CA MET A 218 0.22 -7.76 11.06
C MET A 218 -0.98 -8.57 10.58
N PRO A 219 -1.39 -9.58 11.34
CA PRO A 219 -2.54 -10.40 10.93
C PRO A 219 -3.82 -9.59 10.89
N TYR A 220 -4.72 -9.99 9.99
CA TYR A 220 -6.00 -9.32 9.86
C TYR A 220 -6.93 -9.67 11.03
N MET A 221 -7.75 -8.70 11.43
CA MET A 221 -8.71 -8.90 12.50
C MET A 221 -10.16 -8.89 12.04
N SER A 222 -10.44 -8.36 10.86
CA SER A 222 -11.81 -8.34 10.36
C SER A 222 -11.76 -8.31 8.83
N ILE A 223 -12.92 -8.57 8.23
CA ILE A 223 -13.01 -8.72 6.79
C ILE A 223 -13.04 -7.37 6.07
N ALA A 224 -13.55 -6.32 6.73
CA ALA A 224 -13.72 -5.04 6.03
C ALA A 224 -13.35 -3.84 6.90
N ASN A 225 -12.38 -3.96 7.80
CA ASN A 225 -12.06 -2.84 8.68
C ASN A 225 -10.58 -2.63 8.96
N THR A 226 -9.68 -3.36 8.29
CA THR A 226 -8.22 -3.16 8.33
C THR A 226 -7.67 -3.01 9.74
N ASN A 227 -8.35 -3.54 10.75
CA ASN A 227 -7.80 -3.56 12.10
C ASN A 227 -6.66 -4.58 12.18
N TYR A 228 -5.80 -4.41 13.18
CA TYR A 228 -4.61 -5.23 13.31
C TYR A 228 -4.40 -5.62 14.77
N THR A 229 -3.72 -6.74 14.96
CA THR A 229 -3.36 -7.23 16.28
C THR A 229 -1.88 -7.58 16.33
N GLY A 230 -1.45 -8.22 17.41
CA GLY A 230 -0.05 -8.55 17.58
C GLY A 230 0.39 -9.66 16.65
N HIS A 231 1.65 -10.08 16.84
CA HIS A 231 2.29 -11.11 16.02
C HIS A 231 2.39 -10.69 14.56
N VAL B 1 17.22 31.66 1.18
CA VAL B 1 16.05 32.27 1.81
C VAL B 1 15.19 32.96 0.76
N LEU B 2 13.93 32.54 0.68
CA LEU B 2 12.98 33.10 -0.27
C LEU B 2 11.61 33.17 0.40
N GLN B 3 10.59 33.51 -0.38
CA GLN B 3 9.23 33.64 0.11
C GLN B 3 8.31 32.71 -0.67
N LEU B 4 7.42 32.03 0.04
CA LEU B 4 6.43 31.15 -0.58
C LEU B 4 5.11 31.89 -0.74
N LYS B 5 5.15 32.93 -1.57
CA LYS B 5 3.98 33.78 -1.75
C LYS B 5 2.89 33.04 -2.53
N LEU B 6 1.68 33.00 -1.96
CA LEU B 6 0.54 32.35 -2.60
C LEU B 6 -0.70 33.19 -2.29
N GLY B 7 -1.02 34.11 -3.18
CA GLY B 7 -2.19 34.96 -3.00
C GLY B 7 -2.08 35.91 -1.84
N ASN B 8 -2.86 35.67 -0.79
CA ASN B 8 -2.94 36.55 0.36
C ASN B 8 -1.94 36.22 1.45
N SER B 9 -1.19 35.13 1.32
CA SER B 9 -0.31 34.66 2.38
C SER B 9 1.09 34.41 1.84
N ALA B 10 2.07 34.50 2.74
CA ALA B 10 3.46 34.25 2.38
C ALA B 10 4.19 33.71 3.60
N ILE B 11 5.10 32.77 3.36
CA ILE B 11 5.90 32.15 4.42
C ILE B 11 7.36 32.31 4.07
N VAL B 12 8.15 32.76 5.05
CA VAL B 12 9.60 32.86 4.89
C VAL B 12 10.19 31.47 5.12
N THR B 13 10.78 30.89 4.08
CA THR B 13 11.31 29.53 4.14
C THR B 13 12.80 29.55 3.86
N GLN B 14 13.40 28.36 3.87
CA GLN B 14 14.82 28.19 3.60
C GLN B 14 15.07 27.99 2.10
N GLU B 15 16.34 28.09 1.72
CA GLU B 15 16.72 28.05 0.32
C GLU B 15 16.56 26.68 -0.31
N ALA B 16 16.27 25.64 0.47
CA ALA B 16 16.18 24.29 -0.08
C ALA B 16 15.09 24.20 -1.13
N ALA B 17 13.83 24.36 -0.71
CA ALA B 17 12.68 24.42 -1.62
C ALA B 17 12.73 23.29 -2.65
N ASN B 18 12.94 22.07 -2.16
CA ASN B 18 12.99 20.92 -3.06
C ASN B 18 11.66 20.71 -3.76
N MET B 19 10.56 20.83 -3.02
CA MET B 19 9.20 20.79 -3.58
C MET B 19 8.96 19.48 -4.33
N CYS B 20 8.93 18.40 -3.56
CA CYS B 20 8.64 17.08 -4.11
C CYS B 20 7.22 17.03 -4.62
N CYS B 21 7.06 16.81 -5.92
CA CYS B 21 5.75 16.65 -6.53
C CYS B 21 5.33 15.19 -6.45
N ALA B 22 4.14 14.94 -5.91
CA ALA B 22 3.69 13.58 -5.71
C ALA B 22 3.49 12.89 -7.05
N TYR B 23 4.23 11.81 -7.26
CA TYR B 23 4.16 11.01 -8.50
C TYR B 23 4.48 11.84 -9.73
N GLY B 24 5.24 12.92 -9.55
CA GLY B 24 5.69 13.74 -10.66
C GLY B 24 4.57 14.32 -11.48
N GLU B 25 3.55 14.86 -10.83
CA GLU B 25 2.41 15.45 -11.52
C GLU B 25 2.00 16.74 -10.82
N TRP B 26 2.11 17.85 -11.53
CA TRP B 26 1.62 19.11 -11.00
C TRP B 26 0.09 19.06 -10.88
N PRO B 27 -0.49 19.65 -9.85
CA PRO B 27 -1.95 19.77 -9.79
C PRO B 27 -2.47 20.62 -10.93
N SER B 28 -3.64 20.26 -11.43
CA SER B 28 -4.24 20.95 -12.56
C SER B 28 -5.75 20.82 -12.49
N TYR B 29 -6.42 21.65 -13.29
CA TYR B 29 -7.87 21.63 -13.32
C TYR B 29 -8.36 20.39 -14.07
N LEU B 30 -9.62 20.06 -13.85
CA LEU B 30 -10.17 18.84 -14.42
C LEU B 30 -10.29 19.02 -15.93
N PRO B 31 -9.74 18.11 -16.74
CA PRO B 31 -9.72 18.32 -18.19
C PRO B 31 -11.11 18.36 -18.80
N ASP B 32 -11.22 19.06 -19.93
CA ASP B 32 -12.51 19.21 -20.59
C ASP B 32 -13.07 17.87 -21.06
N ASN B 33 -12.21 16.99 -21.55
CA ASN B 33 -12.69 15.71 -22.08
C ASN B 33 -13.34 14.85 -21.00
N GLU B 34 -13.04 15.10 -19.74
CA GLU B 34 -13.65 14.37 -18.63
C GLU B 34 -14.75 15.16 -17.93
N ALA B 35 -14.86 16.46 -18.19
CA ALA B 35 -15.87 17.29 -17.56
C ALA B 35 -17.22 17.26 -18.28
N THR B 36 -17.27 16.69 -19.48
CA THR B 36 -18.54 16.64 -20.21
C THR B 36 -19.49 15.60 -19.64
N ALA B 37 -18.97 14.49 -19.12
CA ALA B 37 -19.83 13.43 -18.60
C ALA B 37 -20.46 13.79 -17.28
N ILE B 38 -19.92 14.77 -16.56
CA ILE B 38 -20.44 15.16 -15.25
C ILE B 38 -20.82 16.62 -15.29
N ASP B 39 -21.30 17.15 -14.16
CA ASP B 39 -21.66 18.56 -14.08
C ASP B 39 -20.43 19.44 -14.21
N LYS B 40 -20.58 20.54 -14.93
CA LYS B 40 -19.46 21.46 -15.14
C LYS B 40 -19.18 22.25 -13.87
N PRO B 41 -17.94 22.23 -13.37
CA PRO B 41 -17.63 22.97 -12.14
C PRO B 41 -17.11 24.38 -12.45
N THR B 42 -17.18 25.22 -11.43
CA THR B 42 -16.67 26.58 -11.48
C THR B 42 -15.49 26.71 -10.53
N GLN B 43 -14.36 27.19 -11.04
CA GLN B 43 -13.14 27.21 -10.26
C GLN B 43 -13.01 28.52 -9.50
N PRO B 44 -12.89 28.50 -8.17
CA PRO B 44 -12.54 29.70 -7.41
C PRO B 44 -11.03 29.91 -7.39
N GLU B 45 -10.57 30.92 -8.12
CA GLU B 45 -9.16 31.26 -8.11
C GLU B 45 -8.76 32.07 -6.88
N THR B 46 -9.72 32.49 -6.07
CA THR B 46 -9.45 33.30 -4.90
C THR B 46 -10.63 33.16 -3.94
N SER B 47 -10.32 33.08 -2.64
CA SER B 47 -8.95 33.07 -2.16
C SER B 47 -8.61 31.72 -1.58
N THR B 48 -9.23 30.67 -2.12
CA THR B 48 -8.98 29.33 -1.63
C THR B 48 -7.53 28.90 -1.88
N ASP B 49 -6.88 29.49 -2.87
CA ASP B 49 -5.50 29.15 -3.18
C ASP B 49 -4.57 30.03 -2.33
N ARG B 50 -4.59 29.77 -1.03
CA ARG B 50 -3.80 30.51 -0.07
C ARG B 50 -3.32 29.56 1.01
N PHE B 51 -2.27 29.98 1.70
CA PHE B 51 -1.65 29.14 2.72
C PHE B 51 -2.39 29.27 4.04
N TYR B 52 -2.86 28.14 4.57
CA TYR B 52 -3.48 28.10 5.89
C TYR B 52 -2.48 27.49 6.86
N THR B 53 -2.10 28.26 7.88
CA THR B 53 -1.12 27.83 8.87
C THR B 53 -1.85 27.40 10.12
N LEU B 54 -1.69 26.12 10.49
CA LEU B 54 -2.31 25.61 11.69
C LEU B 54 -1.52 26.03 12.92
N LYS B 55 -2.09 25.76 14.09
CA LYS B 55 -1.37 25.96 15.34
C LYS B 55 -0.14 25.05 15.39
N SER B 56 0.97 25.60 15.88
CA SER B 56 2.20 24.84 15.96
C SER B 56 2.07 23.72 16.98
N VAL B 57 2.65 22.56 16.65
CA VAL B 57 2.66 21.42 17.55
C VAL B 57 4.02 21.34 18.22
N LYS B 58 4.08 20.58 19.31
CA LYS B 58 5.27 20.46 20.13
C LYS B 58 5.93 19.11 19.89
N TRP B 59 7.23 19.14 19.57
CA TRP B 59 8.01 17.94 19.31
C TRP B 59 8.88 17.68 20.53
N GLU B 60 8.45 16.74 21.37
CA GLU B 60 9.19 16.36 22.56
C GLU B 60 9.96 15.08 22.31
N GLY B 61 10.64 14.60 23.35
CA GLY B 61 11.40 13.38 23.22
C GLY B 61 10.59 12.10 23.16
N THR B 62 9.31 12.16 23.48
CA THR B 62 8.45 10.99 23.51
C THR B 62 7.30 11.08 22.51
N SER B 63 7.38 12.00 21.57
CA SER B 63 6.30 12.17 20.60
C SER B 63 6.23 10.97 19.67
N THR B 64 5.02 10.48 19.42
CA THR B 64 4.83 9.37 18.50
C THR B 64 4.57 9.82 17.07
N GLY B 65 3.93 10.95 16.89
CA GLY B 65 3.66 11.47 15.56
C GLY B 65 2.32 12.17 15.51
N TRP B 66 2.08 12.82 14.38
CA TRP B 66 0.84 13.55 14.15
C TRP B 66 0.41 13.36 12.71
N TRP B 67 -0.89 13.19 12.49
CA TRP B 67 -1.43 13.10 11.14
C TRP B 67 -2.60 14.06 10.97
N TRP B 68 -2.66 14.69 9.80
CA TRP B 68 -3.75 15.58 9.42
C TRP B 68 -4.36 15.06 8.13
N LYS B 69 -5.66 14.82 8.14
CA LYS B 69 -6.38 14.29 6.99
C LYS B 69 -6.98 15.44 6.19
N LEU B 70 -6.77 15.43 4.88
CA LEU B 70 -7.27 16.49 4.04
C LEU B 70 -8.42 16.00 3.18
N PRO B 71 -9.41 16.85 2.89
CA PRO B 71 -9.53 18.25 3.29
C PRO B 71 -10.21 18.43 4.65
N ASP B 72 -10.14 17.41 5.51
CA ASP B 72 -10.81 17.51 6.81
C ASP B 72 -10.17 18.60 7.67
N ALA B 73 -8.86 18.76 7.59
CA ALA B 73 -8.19 19.77 8.41
C ALA B 73 -8.61 21.17 8.02
N LEU B 74 -8.98 21.40 6.76
CA LEU B 74 -9.39 22.71 6.29
C LEU B 74 -10.89 22.80 6.04
N ASN B 75 -11.67 21.83 6.51
CA ASN B 75 -13.10 21.83 6.22
C ASN B 75 -13.85 22.93 6.96
N GLN B 76 -13.27 23.49 8.01
CA GLN B 76 -13.90 24.54 8.80
C GLN B 76 -12.93 25.68 9.04
N THR B 77 -12.22 26.11 8.00
CA THR B 77 -11.22 27.16 8.13
C THR B 77 -11.28 28.07 6.92
N GLY B 78 -11.67 29.33 7.14
CA GLY B 78 -11.54 30.34 6.11
C GLY B 78 -12.46 30.13 4.92
N MET B 79 -12.02 30.69 3.79
CA MET B 79 -12.86 30.66 2.58
C MET B 79 -13.04 29.25 2.06
N PHE B 80 -12.02 28.39 2.20
CA PHE B 80 -12.17 27.00 1.79
C PHE B 80 -13.26 26.32 2.61
N GLY B 81 -13.23 26.51 3.93
CA GLY B 81 -14.25 25.93 4.77
C GLY B 81 -15.64 26.47 4.46
N GLN B 82 -15.72 27.77 4.17
CA GLN B 82 -17.01 28.34 3.78
C GLN B 82 -17.50 27.73 2.48
N ASN B 83 -16.61 27.52 1.52
CA ASN B 83 -16.99 26.98 0.22
C ASN B 83 -17.46 25.55 0.33
N VAL B 84 -16.78 24.72 1.14
CA VAL B 84 -17.17 23.32 1.19
C VAL B 84 -18.51 23.11 1.86
N GLN B 85 -18.96 24.06 2.70
CA GLN B 85 -20.26 23.90 3.35
C GLN B 85 -21.41 24.25 2.44
N TYR B 86 -21.18 24.98 1.36
CA TYR B 86 -22.24 25.38 0.44
C TYR B 86 -22.24 24.62 -0.87
N HIS B 87 -21.10 24.10 -1.29
CA HIS B 87 -21.02 23.25 -2.48
C HIS B 87 -20.91 21.80 -2.06
N TYR B 88 -21.69 20.94 -2.71
CA TYR B 88 -21.71 19.53 -2.35
C TYR B 88 -20.66 18.71 -3.10
N LEU B 89 -19.97 19.30 -4.07
CA LEU B 89 -18.95 18.59 -4.83
C LEU B 89 -17.65 19.37 -4.80
N TYR B 90 -16.54 18.65 -4.63
CA TYR B 90 -15.24 19.27 -4.40
C TYR B 90 -14.16 18.49 -5.14
N ARG B 91 -13.13 19.21 -5.59
CA ARG B 91 -11.97 18.58 -6.21
C ARG B 91 -10.82 19.58 -6.19
N SER B 92 -9.73 19.23 -5.52
CA SER B 92 -8.57 20.11 -5.48
C SER B 92 -7.34 19.31 -5.09
N GLY B 93 -6.17 19.87 -5.41
CA GLY B 93 -4.91 19.36 -4.93
C GLY B 93 -4.54 19.99 -3.60
N PHE B 94 -3.28 19.81 -3.22
CA PHE B 94 -2.79 20.36 -1.97
C PHE B 94 -1.31 20.66 -2.08
N LEU B 95 -0.84 21.56 -1.21
CA LEU B 95 0.58 21.89 -1.11
C LEU B 95 0.90 22.01 0.38
N CYS B 96 1.45 20.93 0.94
CA CYS B 96 1.75 20.89 2.36
C CYS B 96 3.19 21.29 2.61
N HIS B 97 3.40 22.20 3.55
CA HIS B 97 4.73 22.69 3.90
C HIS B 97 4.93 22.54 5.41
N VAL B 98 6.01 21.88 5.79
CA VAL B 98 6.33 21.62 7.19
C VAL B 98 7.66 22.28 7.51
N GLN B 99 7.69 23.04 8.59
CA GLN B 99 8.87 23.78 9.00
C GLN B 99 9.13 23.54 10.49
N CYS B 100 10.40 23.37 10.85
CA CYS B 100 10.81 23.14 12.22
C CYS B 100 11.83 24.18 12.64
N ASN B 101 11.77 24.59 13.90
CA ASN B 101 12.67 25.60 14.45
C ASN B 101 13.50 24.95 15.56
N ALA B 102 14.80 24.86 15.35
CA ALA B 102 15.68 24.21 16.31
C ALA B 102 17.06 24.83 16.22
N THR B 103 17.82 24.66 17.29
CA THR B 103 19.18 25.19 17.35
C THR B 103 20.15 24.21 16.69
N LYS B 104 21.43 24.57 16.71
CA LYS B 104 22.46 23.73 16.14
C LYS B 104 22.83 22.57 17.04
N PHE B 105 22.38 22.57 18.29
CA PHE B 105 22.67 21.51 19.24
C PHE B 105 21.53 20.53 19.38
N HIS B 106 20.53 20.59 18.50
CA HIS B 106 19.41 19.67 18.52
C HIS B 106 19.62 18.58 17.47
N GLN B 107 19.01 17.42 17.71
CA GLN B 107 19.06 16.32 16.77
C GLN B 107 17.70 15.64 16.72
N GLY B 108 17.45 14.95 15.62
CA GLY B 108 16.20 14.26 15.41
C GLY B 108 15.86 14.24 13.93
N ALA B 109 15.11 13.22 13.53
CA ALA B 109 14.72 13.03 12.14
C ALA B 109 13.22 12.87 12.05
N LEU B 110 12.60 13.62 11.14
CA LEU B 110 11.17 13.55 10.89
C LEU B 110 10.93 12.99 9.50
N LEU B 111 9.87 12.20 9.37
CA LEU B 111 9.46 11.65 8.09
C LEU B 111 8.10 12.26 7.74
N VAL B 112 8.10 13.19 6.80
CA VAL B 112 6.87 13.84 6.33
C VAL B 112 6.39 13.05 5.13
N VAL B 113 5.42 12.16 5.35
CA VAL B 113 4.90 11.28 4.33
C VAL B 113 3.41 11.56 4.14
N ALA B 114 3.00 11.73 2.88
CA ALA B 114 1.60 11.91 2.54
C ALA B 114 1.04 10.57 2.10
N ILE B 115 0.23 9.96 2.96
CA ILE B 115 -0.35 8.64 2.70
C ILE B 115 -1.71 8.85 2.05
N PRO B 116 -1.94 8.37 0.84
CA PRO B 116 -3.26 8.47 0.23
C PRO B 116 -4.17 7.35 0.70
N GLU B 117 -5.42 7.71 1.01
CA GLU B 117 -6.45 6.76 1.44
C GLU B 117 -6.01 5.97 2.67
N HIS B 118 -5.45 6.68 3.64
CA HIS B 118 -4.97 6.06 4.87
C HIS B 118 -6.16 5.68 5.74
N GLN B 119 -6.46 4.40 5.81
CA GLN B 119 -7.54 3.91 6.66
C GLN B 119 -6.99 3.56 8.03
N LEU B 120 -7.65 4.06 9.08
CA LEU B 120 -7.13 3.91 10.43
C LEU B 120 -7.26 2.47 10.90
N GLY B 121 -6.49 2.15 11.96
CA GLY B 121 -6.33 0.77 12.38
C GLY B 121 -7.15 0.30 13.57
N LYS B 122 -7.16 1.04 14.67
CA LYS B 122 -7.88 0.64 15.88
C LYS B 122 -7.37 -0.73 16.37
N TYR B 123 -6.12 -0.70 16.87
CA TYR B 123 -5.43 -1.92 17.27
C TYR B 123 -6.21 -2.71 18.31
N ASN B 124 -6.23 -4.04 18.11
CA ASN B 124 -6.70 -5.00 19.10
C ASN B 124 -8.22 -4.93 19.32
N THR B 125 -8.97 -4.76 18.23
CA THR B 125 -10.42 -4.83 18.30
C THR B 125 -10.96 -5.10 16.91
N GLY B 126 -12.14 -5.70 16.86
CA GLY B 126 -12.79 -5.99 15.60
C GLY B 126 -13.72 -4.91 15.10
N THR B 127 -13.83 -3.79 15.79
CA THR B 127 -14.75 -2.73 15.43
C THR B 127 -14.02 -1.61 14.71
N SER B 128 -14.66 -1.08 13.67
CA SER B 128 -14.05 -0.04 12.87
C SER B 128 -13.94 1.26 13.66
N ALA B 129 -13.11 2.17 13.16
CA ALA B 129 -12.92 3.46 13.80
C ALA B 129 -14.20 4.27 13.71
N SER B 130 -14.52 4.98 14.79
CA SER B 130 -15.72 5.80 14.83
C SER B 130 -15.52 7.08 14.02
N PHE B 131 -16.60 7.85 13.89
CA PHE B 131 -16.51 9.13 13.19
C PHE B 131 -15.57 10.08 13.91
N ASP B 132 -15.60 10.06 15.24
CA ASP B 132 -14.73 10.94 16.02
C ASP B 132 -13.27 10.56 15.92
N ASP B 133 -12.97 9.30 15.57
CA ASP B 133 -11.58 8.87 15.48
C ASP B 133 -10.91 9.36 14.21
N VAL B 134 -11.66 9.45 13.10
CA VAL B 134 -11.07 9.78 11.82
C VAL B 134 -11.12 11.28 11.55
N MET B 135 -12.25 11.92 11.82
CA MET B 135 -12.42 13.35 11.56
C MET B 135 -11.98 14.13 12.79
N LYS B 136 -10.68 14.42 12.87
CA LYS B 136 -10.14 15.19 13.98
C LYS B 136 -10.10 16.69 13.70
N GLY B 137 -10.42 17.12 12.49
CA GLY B 137 -10.40 18.54 12.21
C GLY B 137 -8.98 19.10 12.16
N LYS B 138 -8.89 20.41 12.34
CA LYS B 138 -7.61 21.08 12.27
C LYS B 138 -6.69 20.72 13.42
N THR B 139 -7.24 20.16 14.51
CA THR B 139 -6.39 19.70 15.60
C THR B 139 -5.50 18.55 15.16
N GLY B 140 -6.05 17.64 14.36
CA GLY B 140 -5.30 16.51 13.87
C GLY B 140 -5.26 15.38 14.88
N GLY B 141 -4.76 14.23 14.43
CA GLY B 141 -4.63 13.05 15.26
C GLY B 141 -3.20 12.80 15.70
N VAL B 142 -3.06 11.78 16.53
CA VAL B 142 -1.76 11.37 17.06
C VAL B 142 -1.62 9.88 16.85
N PHE B 143 -0.51 9.47 16.23
CA PHE B 143 -0.25 8.05 16.02
C PHE B 143 -0.12 7.33 17.34
N THR B 144 -0.74 6.15 17.43
CA THR B 144 -0.60 5.30 18.61
C THR B 144 0.41 4.19 18.43
N HIS B 145 0.54 3.66 17.21
CA HIS B 145 1.57 2.68 16.87
C HIS B 145 2.20 3.12 15.56
N PRO B 146 3.09 4.12 15.60
CA PRO B 146 3.68 4.64 14.36
C PRO B 146 4.50 3.61 13.62
N TYR B 147 4.96 2.56 14.30
CA TYR B 147 5.76 1.53 13.62
C TYR B 147 4.95 0.83 12.55
N VAL B 148 3.68 0.54 12.82
CA VAL B 148 2.83 -0.16 11.87
C VAL B 148 2.00 0.83 11.07
N LEU B 149 2.29 2.11 11.24
CA LEU B 149 1.60 3.21 10.55
C LEU B 149 0.11 3.22 10.83
N ASP B 150 -0.33 2.58 11.91
CA ASP B 150 -1.72 2.58 12.34
C ASP B 150 -2.65 1.99 11.28
N ASP B 151 -2.12 1.14 10.40
CA ASP B 151 -2.97 0.45 9.44
C ASP B 151 -2.54 -0.98 9.19
N GLY B 152 -1.58 -1.51 9.94
CA GLY B 152 -1.09 -2.85 9.73
C GLY B 152 0.03 -2.95 8.72
N THR B 153 0.35 -1.87 8.02
CA THR B 153 1.50 -1.83 7.13
C THR B 153 2.76 -1.60 7.95
N SER B 154 3.85 -1.22 7.29
CA SER B 154 5.10 -0.97 7.96
C SER B 154 5.57 0.46 7.66
N LEU B 155 6.06 1.14 8.69
CA LEU B 155 6.69 2.43 8.49
C LEU B 155 7.96 2.30 7.66
N ALA B 156 8.61 1.14 7.72
CA ALA B 156 9.82 0.93 6.94
C ALA B 156 9.55 1.06 5.45
N CYS B 157 8.42 0.54 4.98
CA CYS B 157 8.06 0.60 3.58
C CYS B 157 7.22 1.81 3.22
N SER B 158 6.98 2.72 4.15
CA SER B 158 6.16 3.89 3.88
C SER B 158 6.83 4.86 2.91
N LEU B 159 8.12 4.68 2.63
CA LEU B 159 8.82 5.56 1.71
C LEU B 159 8.33 5.44 0.27
N ILE B 160 7.52 4.42 -0.02
CA ILE B 160 6.92 4.31 -1.35
C ILE B 160 5.95 5.45 -1.63
N PHE B 161 5.39 6.06 -0.58
CA PHE B 161 4.53 7.22 -0.73
C PHE B 161 5.37 8.48 -0.88
N PRO B 162 4.78 9.56 -1.41
CA PRO B 162 5.51 10.82 -1.48
C PRO B 162 5.93 11.29 -0.09
N HIS B 163 7.24 11.36 0.12
CA HIS B 163 7.79 11.64 1.44
C HIS B 163 8.96 12.60 1.31
N GLN B 164 9.23 13.29 2.41
CA GLN B 164 10.38 14.18 2.51
C GLN B 164 11.01 13.99 3.88
N TRP B 165 12.34 13.98 3.92
CA TRP B 165 13.08 13.77 5.15
C TRP B 165 13.49 15.12 5.75
N ILE B 166 13.31 15.25 7.05
CA ILE B 166 13.79 16.41 7.79
C ILE B 166 14.83 15.90 8.78
N ASN B 167 16.08 16.27 8.55
CA ASN B 167 17.18 15.92 9.41
C ASN B 167 17.71 17.21 10.03
N LEU B 168 17.59 17.32 11.35
CA LEU B 168 17.85 18.59 12.03
C LEU B 168 19.28 19.09 11.81
N ARG B 169 20.21 18.20 11.46
CA ARG B 169 21.57 18.61 11.15
C ARG B 169 21.76 18.98 9.69
N THR B 170 20.75 18.76 8.84
CA THR B 170 20.86 19.04 7.42
C THR B 170 19.83 20.05 6.94
N ASN B 171 18.57 19.88 7.32
CA ASN B 171 17.50 20.76 6.87
C ASN B 171 16.42 20.80 7.93
N ASN B 172 15.54 21.80 7.82
CA ASN B 172 14.48 21.98 8.79
C ASN B 172 13.11 22.14 8.15
N SER B 173 12.99 21.97 6.84
CA SER B 173 11.74 22.21 6.14
C SER B 173 11.49 21.11 5.11
N ALA B 174 10.21 20.89 4.83
CA ALA B 174 9.80 19.94 3.80
C ALA B 174 8.63 20.53 3.03
N THR B 175 8.51 20.15 1.76
CA THR B 175 7.46 20.66 0.89
C THR B 175 7.00 19.53 -0.02
N ILE B 176 5.78 19.06 0.18
CA ILE B 176 5.18 18.03 -0.66
C ILE B 176 3.94 18.60 -1.31
N MET B 177 3.82 18.43 -2.61
CA MET B 177 2.65 18.90 -3.36
C MET B 177 1.86 17.70 -3.87
N LEU B 178 0.57 17.68 -3.56
CA LEU B 178 -0.28 16.54 -3.84
C LEU B 178 -1.31 16.88 -4.90
N PRO B 179 -1.40 16.09 -5.97
CA PRO B 179 -2.47 16.30 -6.95
C PRO B 179 -3.77 15.62 -6.53
N TRP B 180 -4.77 15.69 -7.39
CA TRP B 180 -6.06 15.05 -7.10
C TRP B 180 -5.87 13.53 -7.11
N MET B 181 -6.04 12.91 -5.95
CA MET B 181 -5.86 11.48 -5.78
C MET B 181 -7.23 10.86 -5.52
N ASN B 182 -7.89 10.42 -6.58
CA ASN B 182 -9.20 9.79 -6.45
C ASN B 182 -9.51 9.01 -7.71
N CYS B 183 -10.38 8.02 -7.57
CA CYS B 183 -10.85 7.22 -8.69
C CYS B 183 -12.05 7.83 -9.38
N ALA B 184 -12.54 8.96 -8.88
CA ALA B 184 -13.68 9.67 -9.45
C ALA B 184 -13.29 11.10 -9.75
N PRO B 185 -13.91 11.72 -10.77
CA PRO B 185 -13.52 13.09 -11.12
C PRO B 185 -13.68 14.09 -9.99
N MET B 186 -14.76 13.97 -9.20
CA MET B 186 -15.00 14.86 -8.08
C MET B 186 -15.54 14.04 -6.92
N ASP B 187 -15.43 14.57 -5.71
CA ASP B 187 -15.81 13.83 -4.53
C ASP B 187 -16.37 14.79 -3.48
N PHE B 188 -16.99 14.22 -2.46
CA PHE B 188 -17.60 14.97 -1.37
C PHE B 188 -16.57 15.21 -0.28
N ALA B 189 -16.37 16.48 0.07
CA ALA B 189 -15.32 16.84 1.01
C ALA B 189 -15.66 16.49 2.45
N LEU B 190 -16.94 16.54 2.81
CA LEU B 190 -17.32 16.39 4.21
C LEU B 190 -17.34 14.95 4.68
N ARG B 191 -17.20 13.97 3.79
CA ARG B 191 -17.25 12.58 4.19
C ARG B 191 -16.05 11.76 3.77
N HIS B 192 -15.24 12.21 2.81
CA HIS B 192 -14.12 11.43 2.30
C HIS B 192 -12.84 12.23 2.41
N ASN B 193 -11.74 11.55 2.72
CA ASN B 193 -10.43 12.16 2.88
C ASN B 193 -9.49 11.55 1.85
N GLN B 194 -9.05 12.38 0.89
CA GLN B 194 -8.18 11.86 -0.17
C GLN B 194 -6.78 11.60 0.34
N TRP B 195 -6.22 12.53 1.11
CA TRP B 195 -4.84 12.46 1.56
C TRP B 195 -4.78 12.43 3.07
N THR B 196 -3.58 12.19 3.60
CA THR B 196 -3.34 12.19 5.04
C THR B 196 -1.87 12.53 5.24
N LEU B 197 -1.59 13.77 5.62
CA LEU B 197 -0.22 14.20 5.86
C LEU B 197 0.21 13.77 7.26
N ALA B 198 1.31 13.03 7.34
CA ALA B 198 1.78 12.48 8.60
C ALA B 198 3.24 12.86 8.83
N ILE B 199 3.55 13.26 10.06
CA ILE B 199 4.91 13.54 10.50
C ILE B 199 5.23 12.60 11.64
N ILE B 200 6.28 11.81 11.49
CA ILE B 200 6.63 10.75 12.44
C ILE B 200 8.06 10.96 12.88
N PRO B 201 8.34 11.05 14.18
CA PRO B 201 9.72 11.15 14.63
C PRO B 201 10.46 9.83 14.56
N VAL B 202 11.05 9.52 13.40
CA VAL B 202 11.78 8.27 13.25
C VAL B 202 12.93 8.21 14.23
N VAL B 203 13.69 9.28 14.33
CA VAL B 203 14.79 9.40 15.29
C VAL B 203 14.34 10.37 16.38
N PRO B 204 14.34 9.94 17.65
CA PRO B 204 13.83 10.80 18.72
C PRO B 204 14.63 12.09 18.84
N LEU B 205 13.91 13.16 19.18
CA LEU B 205 14.57 14.43 19.43
C LEU B 205 15.31 14.38 20.77
N ASN B 206 16.54 14.88 20.79
CA ASN B 206 17.35 14.83 22.00
C ASN B 206 18.30 16.01 22.03
N THR B 207 18.70 16.36 23.25
CA THR B 207 19.67 17.42 23.50
C THR B 207 20.04 17.36 24.98
N SER B 208 21.03 18.16 25.35
CA SER B 208 21.46 18.27 26.74
C SER B 208 21.12 19.63 27.34
N GLY B 209 21.55 20.71 26.69
CA GLY B 209 21.25 22.06 27.14
C GLY B 209 20.15 22.76 26.36
N GLY B 210 19.45 22.06 25.48
CA GLY B 210 18.43 22.67 24.67
C GLY B 210 17.11 22.83 25.41
N THR B 211 16.13 23.36 24.70
CA THR B 211 14.83 23.64 25.29
C THR B 211 13.93 22.42 25.35
N THR B 212 14.25 21.35 24.62
CA THR B 212 13.44 20.14 24.56
C THR B 212 12.02 20.43 24.08
N MET B 213 11.83 21.49 23.30
CA MET B 213 10.50 21.88 22.82
C MET B 213 10.39 21.77 21.31
N VAL B 214 11.20 22.51 20.56
CA VAL B 214 11.29 22.40 19.10
C VAL B 214 9.92 22.43 18.44
N PRO B 215 9.27 23.58 18.33
CA PRO B 215 7.95 23.65 17.71
C PRO B 215 7.99 23.27 16.23
N ILE B 216 6.89 22.71 15.74
CA ILE B 216 6.73 22.31 14.35
C ILE B 216 5.58 23.10 13.75
N THR B 217 5.81 23.70 12.60
CA THR B 217 4.80 24.51 11.91
C THR B 217 4.36 23.81 10.64
N VAL B 218 3.05 23.71 10.45
CA VAL B 218 2.46 23.02 9.30
C VAL B 218 1.59 24.01 8.55
N SER B 219 1.72 24.04 7.23
CA SER B 219 0.94 24.91 6.36
C SER B 219 0.42 24.13 5.17
N ILE B 220 -0.88 24.23 4.91
CA ILE B 220 -1.52 23.53 3.80
C ILE B 220 -2.26 24.56 2.95
N ALA B 221 -2.12 24.46 1.63
CA ALA B 221 -2.75 25.38 0.71
C ALA B 221 -3.39 24.60 -0.44
N PRO B 222 -4.70 24.69 -0.62
CA PRO B 222 -5.31 24.10 -1.82
C PRO B 222 -4.75 24.75 -3.08
N MET B 223 -4.54 23.93 -4.11
CA MET B 223 -3.84 24.40 -5.30
C MET B 223 -4.78 24.80 -6.42
N CYS B 224 -5.62 23.87 -6.88
CA CYS B 224 -6.57 24.13 -7.97
C CYS B 224 -7.95 23.72 -7.48
N CYS B 225 -8.63 24.63 -6.80
CA CYS B 225 -9.93 24.33 -6.23
C CYS B 225 -11.00 24.35 -7.31
N GLU B 226 -11.86 23.34 -7.28
CA GLU B 226 -13.03 23.27 -8.13
C GLU B 226 -14.24 22.89 -7.30
N PHE B 227 -15.36 23.56 -7.55
CA PHE B 227 -16.60 23.26 -6.87
C PHE B 227 -17.72 23.27 -7.90
N ASN B 228 -18.80 22.54 -7.59
CA ASN B 228 -19.96 22.55 -8.47
C ASN B 228 -20.57 23.94 -8.50
N GLY B 229 -21.08 24.32 -9.67
CA GLY B 229 -21.69 25.64 -9.81
C GLY B 229 -22.94 25.76 -8.95
N LEU B 230 -23.15 26.97 -8.44
CA LEU B 230 -24.31 27.26 -7.60
C LEU B 230 -25.13 28.42 -8.10
N ARG B 231 -24.76 29.05 -9.22
CA ARG B 231 -25.45 30.21 -9.75
C ARG B 231 -25.67 30.06 -11.25
N ASN B 232 -26.13 28.88 -11.68
CA ASN B 232 -26.42 28.63 -13.08
C ASN B 232 -27.84 29.09 -13.39
N ALA B 233 -27.98 29.85 -14.47
CA ALA B 233 -29.29 30.36 -14.87
C ALA B 233 -30.19 29.23 -15.36
N ILE B 234 -31.47 29.31 -15.01
CA ILE B 234 -32.44 28.29 -15.38
C ILE B 234 -33.37 28.75 -16.49
N THR B 235 -33.13 29.92 -17.08
CA THR B 235 -34.00 30.42 -18.13
C THR B 235 -33.72 29.69 -19.44
N GLN B 236 -34.54 30.01 -20.44
CA GLN B 236 -34.43 29.42 -21.78
C GLN B 236 -34.53 27.90 -21.75
N GLY C 1 -20.40 -30.22 -43.02
CA GLY C 1 -19.75 -30.23 -41.73
C GLY C 1 -18.25 -30.42 -41.84
N VAL C 2 -17.55 -30.10 -40.76
CA VAL C 2 -16.09 -30.21 -40.69
C VAL C 2 -15.76 -31.39 -39.79
N PRO C 3 -15.10 -32.44 -40.31
CA PRO C 3 -14.75 -33.58 -39.46
C PRO C 3 -13.64 -33.22 -38.48
N THR C 4 -13.93 -33.36 -37.19
CA THR C 4 -12.97 -33.06 -36.15
C THR C 4 -12.92 -34.23 -35.17
N TYR C 5 -11.80 -34.35 -34.47
CA TYR C 5 -11.61 -35.35 -33.43
C TYR C 5 -11.02 -34.68 -32.20
N LEU C 6 -11.40 -35.18 -31.03
CA LEU C 6 -11.07 -34.54 -29.77
C LEU C 6 -9.70 -35.00 -29.28
N LEU C 7 -8.82 -34.04 -29.03
CA LEU C 7 -7.50 -34.31 -28.51
C LEU C 7 -7.54 -34.67 -27.04
N PRO C 8 -6.50 -35.35 -26.53
CA PRO C 8 -6.43 -35.59 -25.10
C PRO C 8 -6.36 -34.29 -24.32
N GLY C 9 -6.93 -34.31 -23.12
CA GLY C 9 -7.06 -33.10 -22.32
C GLY C 9 -7.99 -32.08 -22.94
N SER C 10 -9.13 -32.54 -23.46
CA SER C 10 -10.05 -31.64 -24.16
C SER C 10 -10.96 -30.90 -23.19
N SER C 11 -11.78 -31.64 -22.45
CA SER C 11 -12.74 -31.01 -21.54
C SER C 11 -12.15 -30.82 -20.15
N GLN C 12 -10.99 -30.19 -20.09
CA GLN C 12 -10.27 -29.97 -18.85
C GLN C 12 -10.21 -28.47 -18.56
N PHE C 13 -10.04 -28.15 -17.28
CA PHE C 13 -9.93 -26.77 -16.82
C PHE C 13 -8.58 -26.60 -16.16
N MET C 14 -7.65 -25.95 -16.85
CA MET C 14 -6.35 -25.62 -16.30
C MET C 14 -6.39 -24.22 -15.72
N THR C 15 -5.90 -24.07 -14.49
CA THR C 15 -5.96 -22.78 -13.82
C THR C 15 -5.09 -21.73 -14.50
N THR C 16 -4.20 -22.12 -15.41
CA THR C 16 -3.30 -21.19 -16.07
C THR C 16 -3.58 -21.06 -17.55
N ASP C 17 -4.75 -21.49 -18.01
CA ASP C 17 -5.06 -21.37 -19.43
C ASP C 17 -5.31 -19.91 -19.80
N ASP C 18 -5.26 -19.64 -21.11
CA ASP C 18 -5.48 -18.30 -21.63
C ASP C 18 -6.45 -18.48 -22.79
N HIS C 19 -7.74 -18.32 -22.52
CA HIS C 19 -8.76 -18.40 -23.53
C HIS C 19 -9.82 -17.34 -23.28
N SER C 20 -10.43 -16.87 -24.36
CA SER C 20 -11.51 -15.92 -24.25
C SER C 20 -12.77 -16.61 -23.73
N SER C 21 -13.65 -15.83 -23.12
CA SER C 21 -14.86 -16.34 -22.52
C SER C 21 -16.05 -15.48 -22.93
N ALA C 22 -17.23 -16.05 -22.83
CA ALA C 22 -18.44 -15.37 -23.26
C ALA C 22 -18.73 -14.20 -22.33
N PRO C 23 -18.92 -12.98 -22.86
CA PRO C 23 -19.26 -11.85 -22.00
C PRO C 23 -20.66 -11.97 -21.44
N ALA C 24 -20.80 -11.67 -20.14
CA ALA C 24 -22.10 -11.73 -19.50
C ALA C 24 -22.97 -10.53 -19.85
N PHE C 25 -22.37 -9.37 -20.07
CA PHE C 25 -23.09 -8.14 -20.41
C PHE C 25 -22.53 -7.63 -21.73
N PRO C 26 -23.03 -8.13 -22.87
CA PRO C 26 -22.45 -7.75 -24.16
C PRO C 26 -22.58 -6.27 -24.49
N ASP C 27 -23.47 -5.54 -23.85
CA ASP C 27 -23.73 -4.14 -24.19
C ASP C 27 -23.77 -3.28 -22.94
N PHE C 28 -22.77 -3.41 -22.07
CA PHE C 28 -22.77 -2.67 -20.83
C PHE C 28 -22.16 -1.28 -20.96
N SER C 29 -21.13 -1.12 -21.79
CA SER C 29 -20.45 0.16 -21.97
C SER C 29 -19.90 0.67 -20.64
N PRO C 30 -18.81 0.08 -20.14
CA PRO C 30 -18.33 0.41 -18.79
C PRO C 30 -17.94 1.88 -18.64
N THR C 31 -17.68 2.25 -17.39
CA THR C 31 -17.31 3.63 -17.08
C THR C 31 -15.99 3.98 -17.77
N PRO C 32 -15.88 5.16 -18.37
CA PRO C 32 -14.64 5.55 -19.02
C PRO C 32 -13.49 5.62 -18.02
N GLU C 33 -12.28 5.36 -18.51
CA GLU C 33 -11.09 5.39 -17.68
C GLU C 33 -10.58 6.82 -17.60
N ILE C 34 -10.67 7.42 -16.42
CA ILE C 34 -10.08 8.74 -16.17
C ILE C 34 -8.61 8.55 -15.84
N HIS C 35 -7.86 9.65 -15.84
CA HIS C 35 -6.44 9.59 -15.55
C HIS C 35 -6.21 9.59 -14.04
N ILE C 36 -5.50 8.59 -13.55
CA ILE C 36 -5.18 8.45 -12.13
C ILE C 36 -3.67 8.37 -12.01
N PRO C 37 -3.05 9.10 -11.09
CA PRO C 37 -1.58 9.09 -11.01
C PRO C 37 -1.05 7.80 -10.38
N GLY C 38 0.25 7.60 -10.55
CA GLY C 38 0.94 6.50 -9.93
C GLY C 38 0.65 5.13 -10.52
N ARG C 39 0.51 5.05 -11.84
CA ARG C 39 0.29 3.76 -12.48
C ARG C 39 1.54 2.89 -12.38
N VAL C 40 1.34 1.61 -12.11
CA VAL C 40 2.42 0.64 -11.99
C VAL C 40 2.31 -0.36 -13.13
N HIS C 41 3.34 -0.44 -13.96
CA HIS C 41 3.37 -1.37 -15.08
C HIS C 41 4.09 -2.66 -14.77
N ASN C 42 5.18 -2.59 -14.01
CA ASN C 42 5.96 -3.76 -13.64
C ASN C 42 6.24 -3.71 -12.15
N MET C 43 6.20 -4.86 -11.49
CA MET C 43 6.50 -4.88 -10.07
C MET C 43 7.98 -4.70 -9.78
N LEU C 44 8.84 -4.72 -10.80
CA LEU C 44 10.23 -4.37 -10.57
C LEU C 44 10.39 -2.92 -10.16
N GLU C 45 9.39 -2.07 -10.42
CA GLU C 45 9.48 -0.69 -9.98
C GLU C 45 9.39 -0.58 -8.47
N LEU C 46 8.77 -1.55 -7.81
CA LEU C 46 8.61 -1.46 -6.35
C LEU C 46 9.91 -1.77 -5.63
N VAL C 47 10.73 -2.67 -6.17
CA VAL C 47 11.96 -3.05 -5.48
C VAL C 47 13.02 -1.98 -5.57
N GLN C 48 12.93 -1.08 -6.56
CA GLN C 48 13.90 0.01 -6.65
C GLN C 48 13.53 1.19 -5.76
N VAL C 49 12.43 1.12 -5.03
CA VAL C 49 12.06 2.17 -4.09
C VAL C 49 12.80 1.94 -2.78
N GLU C 50 13.51 2.96 -2.31
CA GLU C 50 14.23 2.85 -1.06
C GLU C 50 13.27 2.62 0.10
N SER C 51 13.62 1.69 0.98
CA SER C 51 12.82 1.41 2.16
C SER C 51 13.74 1.17 3.34
N MET C 52 13.23 1.43 4.54
CA MET C 52 14.06 1.42 5.73
C MET C 52 14.48 0.00 6.09
N MET C 53 15.61 -0.10 6.77
CA MET C 53 16.19 -1.37 7.20
C MET C 53 16.20 -1.44 8.71
N GLU C 54 16.01 -2.65 9.25
CA GLU C 54 16.02 -2.86 10.69
C GLU C 54 17.43 -3.26 11.14
N ILE C 55 18.32 -2.26 11.10
CA ILE C 55 19.73 -2.53 11.38
C ILE C 55 19.94 -2.93 12.84
N ASN C 56 19.14 -2.38 13.76
CA ASN C 56 19.31 -2.68 15.18
C ASN C 56 18.84 -4.11 15.41
N ASN C 57 19.79 -5.05 15.43
CA ASN C 57 19.49 -6.46 15.61
C ASN C 57 19.58 -6.89 17.07
N VAL C 58 19.80 -5.97 17.99
CA VAL C 58 19.88 -6.32 19.41
C VAL C 58 18.57 -6.94 19.84
N ALA C 59 18.63 -8.18 20.31
CA ALA C 59 17.43 -8.87 20.76
C ALA C 59 16.86 -8.18 21.99
N GLY C 60 15.54 -8.10 22.03
CA GLY C 60 14.85 -7.42 23.12
C GLY C 60 14.38 -6.02 22.80
N SER C 61 14.64 -5.53 21.59
CA SER C 61 14.18 -4.22 21.16
C SER C 61 13.04 -4.39 20.17
N SER C 62 11.94 -3.70 20.41
CA SER C 62 10.75 -3.81 19.58
C SER C 62 10.25 -2.43 19.20
N GLY C 63 9.69 -2.33 18.00
CA GLY C 63 9.10 -1.09 17.54
C GLY C 63 10.05 -0.25 16.72
N MET C 64 10.03 1.07 16.94
CA MET C 64 10.89 1.97 16.19
C MET C 64 12.37 1.81 16.56
N GLU C 65 12.65 1.22 17.72
CA GLU C 65 14.05 1.03 18.11
C GLU C 65 14.79 0.11 17.15
N ARG C 66 14.07 -0.81 16.51
CA ARG C 66 14.71 -1.74 15.59
C ARG C 66 15.24 -1.04 14.35
N LEU C 67 14.79 0.17 14.07
CA LEU C 67 15.16 0.86 12.84
C LEU C 67 16.36 1.79 12.98
N ARG C 68 16.96 1.88 14.16
CA ARG C 68 18.06 2.80 14.38
C ARG C 68 19.09 2.18 15.30
N VAL C 69 20.37 2.35 14.94
CA VAL C 69 21.48 1.90 15.76
C VAL C 69 22.10 3.12 16.42
N GLU C 70 22.58 2.95 17.65
CA GLU C 70 22.98 4.07 18.50
C GLU C 70 24.50 4.15 18.57
N ILE C 71 25.03 5.35 18.36
CA ILE C 71 26.43 5.67 18.59
C ILE C 71 26.49 6.64 19.76
N SER C 72 27.22 6.28 20.80
CA SER C 72 27.33 7.09 22.00
C SER C 72 28.79 7.26 22.38
N VAL C 73 29.06 8.30 23.17
CA VAL C 73 30.42 8.50 23.66
C VAL C 73 30.86 7.37 24.58
N GLN C 74 29.91 6.68 25.21
CA GLN C 74 30.27 5.49 25.97
C GLN C 74 30.80 4.38 25.07
N THR C 75 30.24 4.25 23.88
CA THR C 75 30.72 3.26 22.92
C THR C 75 32.20 3.46 22.65
N ASP C 76 32.99 2.41 22.79
CA ASP C 76 34.43 2.48 22.72
C ASP C 76 34.93 1.86 21.42
N MET C 77 35.68 2.62 20.65
CA MET C 77 36.41 2.05 19.52
C MET C 77 37.40 1.02 20.05
N ASP C 78 37.54 -0.10 19.34
CA ASP C 78 36.90 -0.32 18.05
C ASP C 78 35.70 -1.25 18.18
N ALA C 79 34.52 -0.68 18.41
CA ALA C 79 33.33 -1.49 18.60
C ALA C 79 32.72 -1.90 17.26
N LEU C 80 31.88 -2.93 17.31
CA LEU C 80 31.14 -3.39 16.15
C LEU C 80 29.73 -2.81 16.20
N LEU C 81 29.35 -2.07 15.17
CA LEU C 81 28.08 -1.35 15.19
C LEU C 81 26.92 -2.25 14.81
N PHE C 82 26.92 -2.75 13.58
CA PHE C 82 25.82 -3.57 13.10
C PHE C 82 26.32 -4.49 12.00
N ASN C 83 25.55 -5.55 11.77
CA ASN C 83 25.89 -6.54 10.76
C ASN C 83 24.64 -6.81 9.94
N ILE C 84 24.75 -6.72 8.62
CA ILE C 84 23.64 -6.89 7.70
C ILE C 84 23.96 -8.01 6.73
N PRO C 85 23.48 -9.21 6.98
CA PRO C 85 23.60 -10.27 5.97
C PRO C 85 22.87 -9.89 4.70
N LEU C 86 23.48 -10.22 3.56
CA LEU C 86 22.96 -9.82 2.27
C LEU C 86 21.95 -10.81 1.70
N ASP C 87 21.36 -11.65 2.54
CA ASP C 87 20.38 -12.63 2.11
C ASP C 87 18.99 -12.10 2.43
N ILE C 88 18.14 -12.02 1.41
CA ILE C 88 16.81 -11.45 1.57
C ILE C 88 15.80 -12.53 1.92
N GLN C 89 16.29 -13.72 2.25
CA GLN C 89 15.42 -14.83 2.57
C GLN C 89 15.36 -15.18 4.05
N LEU C 90 16.42 -14.89 4.81
CA LEU C 90 16.43 -15.18 6.24
C LEU C 90 16.22 -13.91 7.05
N ASP C 91 16.04 -14.10 8.36
CA ASP C 91 15.86 -12.98 9.26
C ASP C 91 17.11 -12.12 9.30
N GLY C 92 16.91 -10.81 9.32
CA GLY C 92 18.00 -9.87 9.35
C GLY C 92 17.51 -8.46 9.10
N PRO C 93 18.44 -7.51 9.02
CA PRO C 93 18.06 -6.11 8.79
C PRO C 93 17.46 -5.85 7.42
N LEU C 94 17.25 -6.89 6.60
CA LEU C 94 16.75 -6.71 5.25
C LEU C 94 15.34 -7.24 5.05
N ARG C 95 14.81 -8.02 6.00
CA ARG C 95 13.52 -8.67 5.77
C ARG C 95 12.34 -7.70 5.84
N SER C 96 12.54 -6.50 6.38
CA SER C 96 11.48 -5.52 6.48
C SER C 96 11.42 -4.58 5.30
N THR C 97 12.29 -4.74 4.31
CA THR C 97 12.35 -3.82 3.19
C THR C 97 11.34 -4.20 2.12
N LEU C 98 11.03 -3.23 1.26
CA LEU C 98 10.14 -3.49 0.14
C LEU C 98 10.72 -4.52 -0.81
N LEU C 99 12.03 -4.46 -1.02
CA LEU C 99 12.69 -5.42 -1.91
C LEU C 99 12.49 -6.84 -1.42
N ALA C 100 12.68 -7.07 -0.13
CA ALA C 100 12.50 -8.41 0.42
C ALA C 100 11.05 -8.88 0.29
N ASN C 101 10.10 -8.00 0.60
CA ASN C 101 8.69 -8.39 0.55
C ASN C 101 8.26 -8.73 -0.87
N ILE C 102 8.70 -7.94 -1.85
CA ILE C 102 8.32 -8.21 -3.22
C ILE C 102 9.03 -9.47 -3.73
N ALA C 103 10.32 -9.61 -3.44
CA ALA C 103 11.07 -10.76 -3.92
C ALA C 103 10.63 -12.05 -3.26
N ARG C 104 10.03 -11.98 -2.08
CA ARG C 104 9.53 -13.19 -1.43
C ARG C 104 8.38 -13.82 -2.19
N TYR C 105 7.70 -13.06 -3.03
CA TYR C 105 6.65 -13.61 -3.88
C TYR C 105 7.19 -14.45 -5.02
N TYR C 106 8.50 -14.42 -5.26
CA TYR C 106 9.13 -15.17 -6.33
C TYR C 106 10.13 -16.16 -5.75
N THR C 107 10.74 -16.95 -6.63
CA THR C 107 11.66 -18.01 -6.21
C THR C 107 13.12 -17.65 -6.47
N HIS C 108 13.48 -17.30 -7.70
CA HIS C 108 14.86 -16.98 -8.04
C HIS C 108 15.01 -15.49 -8.23
N TRP C 109 16.02 -14.92 -7.57
CA TRP C 109 16.32 -13.51 -7.67
C TRP C 109 17.82 -13.32 -7.87
N SER C 110 18.18 -12.27 -8.62
CA SER C 110 19.56 -11.96 -8.89
C SER C 110 19.66 -10.52 -9.38
N GLY C 111 20.62 -9.79 -8.85
CA GLY C 111 20.82 -8.41 -9.25
C GLY C 111 21.62 -7.64 -8.22
N SER C 112 21.79 -6.36 -8.51
CA SER C 112 22.51 -5.46 -7.62
C SER C 112 21.56 -4.85 -6.60
N MET C 113 22.15 -4.26 -5.56
CA MET C 113 21.40 -3.58 -4.52
C MET C 113 22.08 -2.25 -4.21
N GLU C 114 21.35 -1.39 -3.51
CA GLU C 114 21.87 -0.14 -3.00
C GLU C 114 21.52 -0.03 -1.53
N MET C 115 22.51 0.38 -0.72
CA MET C 115 22.33 0.53 0.72
C MET C 115 22.74 1.94 1.10
N THR C 116 21.85 2.66 1.76
CA THR C 116 22.07 4.06 2.11
C THR C 116 21.96 4.21 3.62
N PHE C 117 22.90 4.97 4.20
CA PHE C 117 22.91 5.23 5.64
C PHE C 117 22.89 6.72 5.88
N MET C 118 22.07 7.14 6.84
CA MET C 118 21.94 8.55 7.22
C MET C 118 22.23 8.68 8.70
N PHE C 119 23.13 9.59 9.05
CA PHE C 119 23.50 9.84 10.43
C PHE C 119 22.63 10.97 10.98
N CYS C 120 21.75 10.64 11.91
CA CYS C 120 20.83 11.62 12.50
C CYS C 120 21.35 12.10 13.85
N GLY C 121 22.50 12.77 13.82
CA GLY C 121 23.08 13.36 15.00
C GLY C 121 23.00 14.88 14.97
N SER C 122 23.63 15.49 15.98
CA SER C 122 23.68 16.94 16.04
C SER C 122 24.60 17.47 14.95
N PHE C 123 24.52 18.78 14.72
CA PHE C 123 25.29 19.39 13.65
C PHE C 123 26.78 19.28 13.88
N MET C 124 27.22 19.49 15.12
CA MET C 124 28.65 19.48 15.43
C MET C 124 29.17 18.10 15.80
N ALA C 125 28.32 17.08 15.82
CA ALA C 125 28.78 15.73 16.08
C ALA C 125 29.69 15.25 14.96
N THR C 126 30.77 14.58 15.33
CA THR C 126 31.77 14.17 14.35
C THR C 126 32.37 12.83 14.75
N GLY C 127 32.91 12.14 13.76
CA GLY C 127 33.50 10.84 13.97
C GLY C 127 33.68 10.12 12.65
N LYS C 128 34.24 8.92 12.74
CA LYS C 128 34.51 8.08 11.59
C LYS C 128 34.01 6.67 11.85
N VAL C 129 33.55 6.01 10.79
CA VAL C 129 33.19 4.60 10.84
C VAL C 129 33.75 3.92 9.60
N ILE C 130 33.89 2.61 9.68
CA ILE C 130 34.39 1.79 8.58
C ILE C 130 33.25 0.92 8.09
N LEU C 131 32.91 1.07 6.81
CA LEU C 131 31.79 0.35 6.20
C LEU C 131 32.36 -0.72 5.27
N CYS C 132 32.54 -1.92 5.80
CA CYS C 132 33.13 -3.02 5.05
C CYS C 132 32.06 -3.82 4.33
N TYR C 133 32.46 -4.44 3.21
CA TYR C 133 31.59 -5.31 2.43
C TYR C 133 32.34 -6.60 2.16
N THR C 134 31.80 -7.73 2.61
CA THR C 134 32.41 -9.02 2.39
C THR C 134 31.75 -9.69 1.20
N PRO C 135 32.50 -10.09 0.18
CA PRO C 135 31.91 -10.78 -0.97
C PRO C 135 31.36 -12.13 -0.55
N PRO C 136 30.45 -12.70 -1.33
CA PRO C 136 29.87 -14.00 -0.94
C PRO C 136 30.94 -15.07 -0.83
N GLY C 137 30.78 -15.95 0.15
CA GLY C 137 31.73 -17.01 0.41
C GLY C 137 32.84 -16.65 1.36
N GLY C 138 33.06 -15.37 1.64
CA GLY C 138 34.07 -14.95 2.58
C GLY C 138 33.57 -15.01 4.01
N SER C 139 34.40 -14.53 4.92
CA SER C 139 34.09 -14.50 6.34
C SER C 139 33.96 -13.04 6.77
N CYS C 140 32.91 -12.75 7.54
CA CYS C 140 32.69 -11.39 7.99
C CYS C 140 33.81 -10.95 8.92
N PRO C 141 34.27 -9.70 8.82
CA PRO C 141 35.36 -9.25 9.68
C PRO C 141 34.96 -9.24 11.14
N THR C 142 35.95 -9.46 12.01
CA THR C 142 35.71 -9.50 13.44
C THR C 142 36.21 -8.25 14.17
N ASP C 143 37.20 -7.56 13.62
CA ASP C 143 37.71 -6.32 14.20
C ASP C 143 37.83 -5.27 13.10
N ARG C 144 38.31 -4.09 13.47
CA ARG C 144 38.45 -3.01 12.50
C ARG C 144 39.58 -3.29 11.52
N GLU C 145 40.64 -3.97 11.97
CA GLU C 145 41.76 -4.25 11.09
C GLU C 145 41.34 -5.16 9.94
N SER C 146 40.55 -6.20 10.24
CA SER C 146 40.06 -7.08 9.17
C SER C 146 39.14 -6.33 8.22
N ALA C 147 38.33 -5.41 8.74
CA ALA C 147 37.46 -4.62 7.89
C ALA C 147 38.25 -3.73 6.95
N MET C 148 39.31 -3.09 7.46
CA MET C 148 40.10 -2.18 6.64
C MET C 148 40.80 -2.91 5.51
N LEU C 149 41.15 -4.18 5.71
CA LEU C 149 41.86 -4.92 4.69
C LEU C 149 40.97 -5.33 3.53
N GLY C 150 39.65 -5.41 3.74
CA GLY C 150 38.72 -5.68 2.68
C GLY C 150 38.21 -4.41 2.03
N THR C 151 37.23 -4.59 1.14
CA THR C 151 36.58 -3.44 0.52
C THR C 151 35.83 -2.65 1.56
N HIS C 152 36.06 -1.34 1.60
CA HIS C 152 35.48 -0.53 2.66
C HIS C 152 35.44 0.93 2.24
N ILE C 153 34.63 1.70 2.96
CA ILE C 153 34.60 3.15 2.85
C ILE C 153 34.76 3.73 4.25
N VAL C 154 35.68 4.68 4.40
CA VAL C 154 35.92 5.33 5.69
C VAL C 154 34.94 6.49 5.77
N TRP C 155 33.72 6.19 6.20
CA TRP C 155 32.67 7.20 6.26
C TRP C 155 32.91 8.11 7.46
N ASP C 156 32.97 9.41 7.21
CA ASP C 156 33.13 10.42 8.24
C ASP C 156 31.81 11.19 8.23
N PHE C 157 30.97 10.91 9.23
CA PHE C 157 29.66 11.53 9.27
C PHE C 157 29.67 12.97 9.78
N GLY C 158 30.82 13.46 10.23
CA GLY C 158 30.91 14.86 10.61
C GLY C 158 30.69 15.79 9.44
N LEU C 159 31.16 15.40 8.25
CA LEU C 159 31.03 16.20 7.05
C LEU C 159 29.88 15.75 6.16
N GLN C 160 29.80 14.46 5.87
CA GLN C 160 28.75 13.90 5.02
C GLN C 160 27.68 13.28 5.90
N SER C 161 26.46 13.80 5.80
CA SER C 161 25.36 13.28 6.61
C SER C 161 24.85 11.94 6.12
N SER C 162 25.10 11.59 4.85
CA SER C 162 24.62 10.33 4.30
C SER C 162 25.68 9.73 3.40
N ILE C 163 25.67 8.40 3.31
CA ILE C 163 26.58 7.65 2.47
C ILE C 163 25.79 6.61 1.69
N THR C 164 26.29 6.23 0.52
CA THR C 164 25.63 5.27 -0.34
C THR C 164 26.59 4.15 -0.70
N LEU C 165 26.13 2.92 -0.56
CA LEU C 165 26.90 1.73 -0.91
C LEU C 165 26.24 1.04 -2.10
N VAL C 166 27.06 0.56 -3.03
CA VAL C 166 26.57 -0.15 -4.21
C VAL C 166 27.07 -1.58 -4.10
N ILE C 167 26.18 -2.50 -3.76
CA ILE C 167 26.55 -3.91 -3.71
C ILE C 167 26.70 -4.43 -5.13
N PRO C 168 27.79 -5.12 -5.45
CA PRO C 168 27.99 -5.54 -6.85
C PRO C 168 26.94 -6.51 -7.37
N TRP C 169 26.69 -7.60 -6.65
CA TRP C 169 25.75 -8.61 -7.13
C TRP C 169 25.35 -9.52 -5.99
N ILE C 170 24.07 -9.92 -5.98
CA ILE C 170 23.57 -10.92 -5.06
C ILE C 170 22.72 -11.91 -5.87
N SER C 171 22.56 -13.10 -5.30
CA SER C 171 21.79 -14.15 -5.95
C SER C 171 21.22 -15.08 -4.88
N GLY C 172 20.23 -15.86 -5.26
CA GLY C 172 19.64 -16.81 -4.34
C GLY C 172 18.36 -17.43 -4.86
N SER C 173 17.99 -18.58 -4.30
CA SER C 173 16.78 -19.27 -4.71
C SER C 173 16.39 -20.23 -3.59
N HIS C 174 15.48 -21.16 -3.90
CA HIS C 174 15.07 -22.20 -2.97
C HIS C 174 15.31 -23.55 -3.62
N PHE C 175 15.91 -24.47 -2.86
CA PHE C 175 16.25 -25.78 -3.39
C PHE C 175 15.54 -26.88 -2.61
N LYS C 183 16.85 -30.69 4.12
CA LYS C 183 16.55 -29.27 3.96
C LYS C 183 17.72 -28.52 3.37
N SER C 184 17.48 -27.81 2.27
CA SER C 184 18.51 -27.06 1.57
C SER C 184 18.16 -25.57 1.61
N ILE C 185 19.13 -24.75 2.01
CA ILE C 185 18.98 -23.31 2.07
C ILE C 185 20.16 -22.69 1.34
N ASN C 186 19.87 -21.63 0.56
CA ASN C 186 20.93 -20.94 -0.17
C ASN C 186 21.98 -20.40 0.80
N ALA C 187 23.24 -20.53 0.41
CA ALA C 187 24.33 -20.09 1.26
C ALA C 187 24.37 -18.57 1.35
N ASN C 188 25.19 -18.08 2.26
CA ASN C 188 25.31 -16.64 2.47
C ASN C 188 25.85 -15.94 1.24
N VAL C 189 25.34 -14.75 0.97
CA VAL C 189 25.74 -13.96 -0.19
C VAL C 189 26.54 -12.73 0.19
N GLY C 190 27.09 -12.69 1.40
CA GLY C 190 27.94 -11.60 1.82
C GLY C 190 27.36 -10.85 3.00
N TYR C 191 28.15 -9.91 3.51
CA TYR C 191 27.78 -9.11 4.65
C TYR C 191 28.15 -7.66 4.41
N VAL C 192 27.48 -6.77 5.11
CA VAL C 192 27.83 -5.35 5.15
C VAL C 192 28.02 -4.99 6.62
N THR C 193 29.24 -4.63 7.00
CA THR C 193 29.60 -4.47 8.39
C THR C 193 30.09 -3.05 8.66
N CYS C 194 29.85 -2.58 9.88
CA CYS C 194 30.29 -1.26 10.30
C CYS C 194 31.11 -1.37 11.57
N PHE C 195 32.28 -0.71 11.57
CA PHE C 195 33.15 -0.64 12.73
C PHE C 195 33.44 0.82 13.03
N MET C 196 33.69 1.11 14.30
CA MET C 196 33.76 2.48 14.78
C MET C 196 35.23 2.88 14.79
N GLN C 197 35.65 3.66 13.78
CA GLN C 197 37.07 3.96 13.59
C GLN C 197 37.62 4.81 14.72
N THR C 198 36.93 5.90 15.05
CA THR C 198 37.30 6.78 16.14
C THR C 198 36.22 6.71 17.21
N ASN C 199 36.27 7.62 18.17
CA ASN C 199 35.20 7.78 19.13
C ASN C 199 34.35 8.99 18.76
N LEU C 200 33.08 8.93 19.10
CA LEU C 200 32.17 10.03 18.79
C LEU C 200 32.51 11.24 19.63
N ILE C 201 32.59 12.40 18.98
CA ILE C 201 32.93 13.66 19.63
C ILE C 201 31.75 14.61 19.47
N VAL C 202 31.24 15.10 20.60
CA VAL C 202 30.10 16.01 20.59
C VAL C 202 30.40 17.19 21.52
N PRO C 203 29.80 18.36 21.29
CA PRO C 203 29.97 19.46 22.24
C PRO C 203 29.25 19.18 23.54
N LYS C 204 29.49 20.04 24.52
CA LYS C 204 28.87 19.88 25.83
C LYS C 204 27.36 20.04 25.73
N GLU C 205 26.89 20.99 24.92
CA GLU C 205 25.45 21.25 24.84
C GLU C 205 24.72 20.18 24.05
N ALA C 206 25.40 19.51 23.12
CA ALA C 206 24.75 18.50 22.31
C ALA C 206 24.55 17.21 23.10
N ALA C 207 23.66 16.37 22.61
CA ALA C 207 23.38 15.10 23.26
C ALA C 207 24.56 14.14 23.10
N THR C 208 24.76 13.30 24.12
CA THR C 208 25.87 12.36 24.12
C THR C 208 25.58 11.09 23.34
N SER C 209 24.36 10.88 22.90
CA SER C 209 23.98 9.70 22.14
C SER C 209 23.38 10.11 20.81
N THR C 210 23.76 9.40 19.74
CA THR C 210 23.26 9.66 18.40
C THR C 210 22.71 8.37 17.82
N TYR C 211 22.16 8.46 16.62
CA TYR C 211 21.54 7.32 15.97
C TYR C 211 21.84 7.33 14.48
N ILE C 212 21.79 6.15 13.87
CA ILE C 212 22.02 5.96 12.44
C ILE C 212 20.89 5.10 11.90
N ILE C 213 20.33 5.51 10.76
CA ILE C 213 19.28 4.74 10.10
C ILE C 213 19.76 4.37 8.69
N GLY C 214 19.20 3.27 8.16
CA GLY C 214 19.63 2.75 6.88
C GLY C 214 18.45 2.42 5.98
N PHE C 215 18.73 2.43 4.69
CA PHE C 215 17.76 2.11 3.66
C PHE C 215 18.36 1.13 2.66
N ALA C 216 17.49 0.41 1.97
CA ALA C 216 17.90 -0.55 0.96
C ALA C 216 17.04 -0.38 -0.29
N ALA C 217 17.59 -0.80 -1.42
CA ALA C 217 16.90 -0.71 -2.69
C ALA C 217 17.56 -1.67 -3.67
N ALA C 218 17.09 -1.66 -4.91
CA ALA C 218 17.65 -2.49 -5.97
C ALA C 218 17.83 -1.64 -7.22
N LYS C 219 18.76 -2.07 -8.07
CA LYS C 219 19.06 -1.34 -9.28
C LYS C 219 18.16 -1.82 -10.42
N ASN C 220 18.39 -1.27 -11.61
CA ASN C 220 17.58 -1.65 -12.77
C ASN C 220 17.93 -3.03 -13.31
N ASP C 221 18.99 -3.66 -12.81
CA ASP C 221 19.39 -4.98 -13.26
C ASP C 221 18.82 -6.11 -12.42
N PHE C 222 17.98 -5.81 -11.44
CA PHE C 222 17.34 -6.85 -10.64
C PHE C 222 16.31 -7.60 -11.49
N SER C 223 16.05 -8.84 -11.10
CA SER C 223 15.10 -9.68 -11.82
C SER C 223 14.53 -10.72 -10.88
N LEU C 224 13.38 -11.26 -11.26
CA LEU C 224 12.68 -12.26 -10.47
C LEU C 224 12.08 -13.31 -11.41
N ARG C 225 11.84 -14.50 -10.86
CA ARG C 225 11.28 -15.59 -11.64
C ARG C 225 10.52 -16.54 -10.73
N LEU C 226 9.61 -17.30 -11.34
CA LEU C 226 8.86 -18.36 -10.67
C LEU C 226 8.08 -17.81 -9.47
N MET C 227 7.08 -16.99 -9.79
CA MET C 227 6.23 -16.41 -8.77
C MET C 227 5.56 -17.49 -7.94
N ARG C 228 5.59 -17.31 -6.62
CA ARG C 228 5.06 -18.30 -5.68
C ARG C 228 4.19 -17.63 -4.63
N ASP C 229 3.81 -18.39 -3.60
CA ASP C 229 2.98 -17.87 -2.52
C ASP C 229 3.85 -17.39 -1.37
N SER C 230 3.64 -16.16 -0.95
CA SER C 230 4.44 -15.59 0.12
C SER C 230 4.08 -16.24 1.45
N PRO C 231 5.07 -16.64 2.26
CA PRO C 231 4.76 -17.24 3.57
C PRO C 231 4.04 -16.29 4.52
N ASP C 232 4.20 -14.98 4.38
CA ASP C 232 3.59 -14.03 5.29
C ASP C 232 2.07 -14.09 5.15
N ILE C 233 1.41 -14.61 6.17
CA ILE C 233 -0.05 -14.73 6.14
C ILE C 233 -0.69 -13.35 6.27
#